data_2Y4O
#
_entry.id   2Y4O
#
_cell.length_a   69.150
_cell.length_b   81.970
_cell.length_c   80.890
_cell.angle_alpha   90.00
_cell.angle_beta   97.27
_cell.angle_gamma   90.00
#
_symmetry.space_group_name_H-M   'P 1 21 1'
#
loop_
_entity.id
_entity.type
_entity.pdbx_description
1 polymer 'PHENYLACETATE-COENZYME A LIGASE'
2 non-polymer 'MAGNESIUM ION'
3 non-polymer 'POTASSIUM ION'
4 non-polymer "5'-O-[HYDROXY(PHENYLACETYL)PHOSPHORYL]ADENOSINE"
5 non-polymer DI(HYDROXYETHYL)ETHER
6 non-polymer BETA-MERCAPTOETHANOL
7 water water
#
_entity_poly.entity_id   1
_entity_poly.type   'polypeptide(L)'
_entity_poly.pdbx_seq_one_letter_code
;GSHMTHPTHPAAALEPIETASRDELQALQLERLKWSLRHAYDNVPHYRRTFDAAGVHPDDLKSLADLAKFPFSTKNDLRD
NYPFGLFAVPREQVVRVHASSGTTGKPTVVGYTARDIDTWANVTARSIRAAGGRPGDTLHNAFGYGLFTGGLGIHYGAER
LGCMVVPMSGGQTEKQVQLIRDFEPKIILVTPSYMLNLIDEMVRQGMDPAESSLKIGIFGAEPWTQALRNEVETRVGIDA
LDIYGLSEVMGPGVACECVETKDGPVIWEDHFYPEIIDPVTGEVLPDGSQGELVFTSLTKEAMPVIRYRTRDLTALLPPT
ARAMRRLAKITGRSDDMLIVRGVNVFPSQIEEIVVALPLLSGQFQITLSRDGHMDRLDLAVELRSEAAASVTDGERAALA
RELQHRIKTMVGVSSGVTVLAAGGIPATATGKARRVIDRRQAA
;
_entity_poly.pdbx_strand_id   A,B
#
# COMPACT_ATOMS: atom_id res chain seq x y z
N HIS A 9 -11.29 -2.74 -24.06
CA HIS A 9 -10.43 -1.51 -24.12
C HIS A 9 -8.94 -1.87 -24.23
N PRO A 10 -8.60 -3.16 -24.09
CA PRO A 10 -9.32 -4.25 -24.74
C PRO A 10 -10.13 -5.12 -23.77
N ALA A 11 -10.05 -4.82 -22.47
CA ALA A 11 -10.48 -5.74 -21.42
C ALA A 11 -11.96 -5.60 -21.04
N ALA A 12 -12.73 -4.91 -21.88
CA ALA A 12 -14.19 -4.92 -21.72
C ALA A 12 -14.81 -6.27 -22.10
N ALA A 13 -14.21 -6.98 -23.06
CA ALA A 13 -14.70 -8.29 -23.50
C ALA A 13 -14.30 -9.42 -22.53
N LEU A 14 -15.11 -10.49 -22.51
CA LEU A 14 -14.68 -11.76 -21.93
C LEU A 14 -13.55 -12.39 -22.75
N GLU A 15 -12.64 -13.10 -22.08
CA GLU A 15 -11.69 -13.95 -22.79
C GLU A 15 -12.40 -15.14 -23.41
N PRO A 16 -11.89 -15.63 -24.56
CA PRO A 16 -12.52 -16.78 -25.19
C PRO A 16 -12.75 -17.93 -24.23
N ILE A 17 -11.79 -18.17 -23.34
CA ILE A 17 -11.80 -19.39 -22.51
C ILE A 17 -12.95 -19.36 -21.51
N GLU A 18 -13.39 -18.15 -21.15
CA GLU A 18 -14.52 -17.98 -20.24
C GLU A 18 -15.81 -18.61 -20.74
N THR A 19 -15.95 -18.74 -22.06
CA THR A 19 -17.16 -19.30 -22.67
C THR A 19 -16.84 -20.53 -23.51
N ALA A 20 -15.66 -21.13 -23.29
CA ALA A 20 -15.26 -22.33 -24.01
C ALA A 20 -16.14 -23.52 -23.61
N SER A 21 -16.18 -24.54 -24.46
CA SER A 21 -16.88 -25.78 -24.11
C SER A 21 -16.16 -26.51 -23.00
N ARG A 22 -16.90 -27.36 -22.28
CA ARG A 22 -16.29 -28.18 -21.25
C ARG A 22 -15.10 -28.98 -21.79
N ASP A 23 -15.25 -29.53 -22.99
CA ASP A 23 -14.17 -30.30 -23.61
C ASP A 23 -12.94 -29.42 -23.85
N GLU A 24 -13.14 -28.25 -24.43
CA GLU A 24 -12.03 -27.35 -24.68
C GLU A 24 -11.32 -26.97 -23.39
N LEU A 25 -12.10 -26.63 -22.36
CA LEU A 25 -11.53 -26.27 -21.06
C LEU A 25 -10.72 -27.42 -20.44
N GLN A 26 -11.30 -28.63 -20.44
CA GLN A 26 -10.63 -29.78 -19.85
C GLN A 26 -9.36 -30.19 -20.61
N ALA A 27 -9.33 -29.94 -21.92
CA ALA A 27 -8.11 -30.21 -22.70
C ALA A 27 -7.00 -29.24 -22.30
N LEU A 28 -7.33 -27.96 -22.24
CA LEU A 28 -6.40 -26.94 -21.77
C LEU A 28 -5.89 -27.27 -20.37
N GLN A 29 -6.80 -27.67 -19.47
CA GLN A 29 -6.41 -27.96 -18.08
C GLN A 29 -5.42 -29.11 -18.07
N LEU A 30 -5.70 -30.14 -18.87
CA LEU A 30 -4.83 -31.31 -18.86
C LEU A 30 -3.43 -30.94 -19.37
N GLU A 31 -3.37 -30.14 -20.42
CA GLU A 31 -2.08 -29.71 -20.98
C GLU A 31 -1.26 -28.86 -20.01
N ARG A 32 -1.93 -27.98 -19.27
CA ARG A 32 -1.24 -27.16 -18.29
C ARG A 32 -0.84 -27.94 -17.05
N LEU A 33 -1.69 -28.89 -16.65
CA LEU A 33 -1.43 -29.68 -15.46
C LEU A 33 -0.18 -30.54 -15.64
N LYS A 34 -0.04 -31.15 -16.83
CA LYS A 34 1.19 -31.87 -17.16
C LYS A 34 2.43 -30.97 -17.06
N TRP A 35 2.32 -29.75 -17.57
CA TRP A 35 3.42 -28.79 -17.51
C TRP A 35 3.74 -28.39 -16.07
N SER A 36 2.70 -28.10 -15.29
CA SER A 36 2.90 -27.61 -13.93
C SER A 36 3.50 -28.66 -13.00
N LEU A 37 3.04 -29.90 -13.10
CA LEU A 37 3.63 -31.01 -12.34
C LEU A 37 5.12 -31.18 -12.64
N ARG A 38 5.47 -31.13 -13.92
CA ARG A 38 6.85 -31.34 -14.38
C ARG A 38 7.74 -30.16 -14.00
N HIS A 39 7.20 -28.95 -14.15
CA HIS A 39 7.88 -27.74 -13.66
C HIS A 39 8.22 -27.85 -12.17
N ALA A 40 7.24 -28.25 -11.35
CA ALA A 40 7.44 -28.40 -9.91
C ALA A 40 8.53 -29.45 -9.65
N TYR A 41 8.43 -30.56 -10.35
CA TYR A 41 9.23 -31.74 -10.03
C TYR A 41 10.70 -31.49 -10.39
N ASP A 42 10.91 -30.81 -11.51
CA ASP A 42 12.25 -30.58 -12.04
C ASP A 42 12.99 -29.51 -11.25
N ASN A 43 12.25 -28.54 -10.72
CA ASN A 43 12.86 -27.28 -10.33
C ASN A 43 12.72 -26.95 -8.86
N VAL A 44 12.01 -27.81 -8.12
CA VAL A 44 11.83 -27.59 -6.69
C VAL A 44 12.20 -28.84 -5.90
N PRO A 45 13.43 -28.87 -5.35
CA PRO A 45 13.89 -30.01 -4.56
C PRO A 45 12.81 -30.64 -3.68
N HIS A 46 12.05 -29.81 -2.95
CA HIS A 46 10.99 -30.32 -2.07
C HIS A 46 9.99 -31.23 -2.78
N TYR A 47 9.41 -30.74 -3.89
CA TYR A 47 8.49 -31.53 -4.71
C TYR A 47 9.15 -32.78 -5.32
N ARG A 48 10.41 -32.67 -5.74
CA ARG A 48 11.12 -33.85 -6.22
C ARG A 48 11.14 -34.93 -5.14
N ARG A 49 11.35 -34.51 -3.89
CA ARG A 49 11.40 -35.42 -2.74
C ARG A 49 10.01 -35.98 -2.46
N THR A 50 9.04 -35.08 -2.50
CA THR A 50 7.72 -35.35 -2.00
C THR A 50 6.98 -36.25 -3.00
N PHE A 51 7.22 -36.02 -4.29
CA PHE A 51 6.75 -36.90 -5.34
C PHE A 51 7.43 -38.28 -5.24
N ASP A 52 8.76 -38.28 -5.20
CA ASP A 52 9.52 -39.53 -5.14
C ASP A 52 9.04 -40.39 -3.98
N ALA A 53 8.91 -39.77 -2.79
CA ALA A 53 8.47 -40.48 -1.61
C ALA A 53 7.05 -41.04 -1.73
N ALA A 54 6.24 -40.43 -2.60
CA ALA A 54 4.86 -40.87 -2.78
C ALA A 54 4.75 -41.91 -3.89
N GLY A 55 5.87 -42.20 -4.56
CA GLY A 55 5.90 -43.23 -5.58
C GLY A 55 5.37 -42.75 -6.92
N VAL A 56 5.27 -41.44 -7.07
CA VAL A 56 4.63 -40.87 -8.26
C VAL A 56 5.61 -39.99 -9.04
N HIS A 57 5.43 -39.96 -10.36
CA HIS A 57 6.24 -39.11 -11.24
C HIS A 57 5.26 -38.30 -12.10
N PRO A 58 5.69 -37.12 -12.56
CA PRO A 58 4.83 -36.31 -13.42
C PRO A 58 4.29 -37.09 -14.63
N ASP A 59 5.10 -37.98 -15.20
CA ASP A 59 4.67 -38.78 -16.34
C ASP A 59 3.43 -39.61 -16.02
N ASP A 60 3.19 -39.85 -14.73
CA ASP A 60 2.08 -40.69 -14.30
C ASP A 60 0.72 -40.02 -14.52
N LEU A 61 0.73 -38.73 -14.81
CA LEU A 61 -0.53 -38.04 -15.08
C LEU A 61 -0.95 -38.14 -16.53
N LYS A 62 -1.91 -39.01 -16.81
CA LYS A 62 -2.43 -39.16 -18.17
C LYS A 62 -3.79 -38.48 -18.32
N SER A 63 -4.57 -38.48 -17.24
CA SER A 63 -5.87 -37.80 -17.25
C SER A 63 -6.01 -36.89 -16.02
N LEU A 64 -7.02 -36.03 -16.02
CA LEU A 64 -7.21 -35.11 -14.90
C LEU A 64 -7.39 -35.85 -13.58
N ALA A 65 -8.16 -36.94 -13.60
CA ALA A 65 -8.40 -37.72 -12.38
C ALA A 65 -7.13 -38.31 -11.77
N ASP A 66 -6.09 -38.48 -12.58
CA ASP A 66 -4.81 -39.01 -12.09
C ASP A 66 -4.14 -38.09 -11.05
N LEU A 67 -4.68 -36.88 -10.91
CA LEU A 67 -4.09 -35.93 -9.97
C LEU A 67 -4.12 -36.49 -8.56
N ALA A 68 -5.08 -37.39 -8.30
CA ALA A 68 -5.28 -37.92 -6.95
C ALA A 68 -4.09 -38.74 -6.49
N LYS A 69 -3.24 -39.13 -7.42
CA LYS A 69 -2.05 -39.90 -7.09
C LYS A 69 -1.00 -39.07 -6.35
N PHE A 70 -1.04 -37.76 -6.54
CA PHE A 70 0.05 -36.89 -6.09
C PHE A 70 -0.15 -36.45 -4.64
N PRO A 71 0.96 -36.24 -3.91
CA PRO A 71 0.81 -35.90 -2.51
C PRO A 71 0.21 -34.51 -2.35
N PHE A 72 -0.26 -34.20 -1.15
CA PHE A 72 -0.73 -32.86 -0.80
C PHE A 72 0.43 -31.96 -0.34
N SER A 73 0.33 -30.66 -0.63
CA SER A 73 1.12 -29.65 0.09
C SER A 73 0.29 -28.86 1.09
N THR A 74 0.96 -28.28 2.08
CA THR A 74 0.30 -27.50 3.11
C THR A 74 1.13 -26.32 3.55
N LYS A 75 0.59 -25.56 4.48
CA LYS A 75 1.26 -24.41 5.07
C LYS A 75 2.60 -24.82 5.69
N ASN A 76 2.66 -26.05 6.20
CA ASN A 76 3.90 -26.58 6.77
C ASN A 76 5.09 -26.65 5.79
N ASP A 77 4.80 -26.94 4.52
CA ASP A 77 5.84 -27.02 3.51
C ASP A 77 6.49 -25.68 3.22
N LEU A 78 5.69 -24.62 3.22
CA LEU A 78 6.22 -23.26 3.17
C LEU A 78 7.01 -22.91 4.42
N ARG A 79 6.46 -23.22 5.59
CA ARG A 79 7.17 -22.99 6.85
C ARG A 79 8.53 -23.69 6.87
N ASP A 80 8.57 -24.93 6.39
CA ASP A 80 9.81 -25.70 6.42
C ASP A 80 10.84 -25.25 5.37
N ASN A 81 10.43 -24.37 4.44
CA ASN A 81 11.33 -23.93 3.37
C ASN A 81 11.47 -22.42 3.24
N TYR A 82 11.19 -21.73 4.33
CA TYR A 82 11.28 -20.28 4.44
C TYR A 82 12.73 -19.80 4.29
N PRO A 83 12.94 -18.66 3.60
CA PRO A 83 11.88 -17.85 2.99
C PRO A 83 11.57 -18.20 1.53
N PHE A 84 12.53 -18.72 0.78
CA PHE A 84 12.37 -18.84 -0.67
C PHE A 84 12.63 -20.25 -1.19
N GLY A 85 12.51 -21.26 -0.33
CA GLY A 85 12.94 -22.60 -0.67
C GLY A 85 12.07 -23.31 -1.70
N LEU A 86 10.85 -22.82 -1.90
CA LEU A 86 9.92 -23.44 -2.84
C LEU A 86 9.90 -22.74 -4.20
N PHE A 87 10.83 -21.82 -4.42
CA PHE A 87 10.95 -21.15 -5.71
C PHE A 87 11.39 -22.18 -6.76
N ALA A 88 10.79 -22.12 -7.93
CA ALA A 88 11.13 -22.99 -9.05
C ALA A 88 11.97 -22.23 -10.07
N VAL A 89 12.24 -20.97 -9.77
CA VAL A 89 13.18 -20.16 -10.57
C VAL A 89 14.20 -19.50 -9.65
N PRO A 90 15.34 -19.05 -10.22
CA PRO A 90 16.28 -18.28 -9.40
C PRO A 90 15.62 -17.00 -8.90
N ARG A 91 16.02 -16.53 -7.72
CA ARG A 91 15.41 -15.35 -7.15
C ARG A 91 15.58 -14.13 -8.06
N GLU A 92 16.58 -14.15 -8.95
CA GLU A 92 16.84 -13.01 -9.84
C GLU A 92 15.79 -12.90 -10.96
N GLN A 93 14.91 -13.88 -11.05
CA GLN A 93 13.81 -13.86 -12.01
C GLN A 93 12.47 -13.63 -11.30
N VAL A 94 12.55 -13.33 -10.00
CA VAL A 94 11.36 -13.13 -9.20
C VAL A 94 11.20 -11.64 -8.92
N VAL A 95 10.08 -11.05 -9.32
CA VAL A 95 9.91 -9.60 -9.22
C VAL A 95 9.07 -9.13 -8.03
N ARG A 96 8.38 -10.06 -7.38
CA ARG A 96 7.50 -9.70 -6.26
C ARG A 96 7.55 -10.78 -5.19
N VAL A 97 7.57 -10.37 -3.92
CA VAL A 97 7.18 -11.27 -2.84
C VAL A 97 6.04 -10.70 -2.01
N HIS A 98 5.16 -11.59 -1.54
CA HIS A 98 4.10 -11.21 -0.61
C HIS A 98 4.18 -12.09 0.63
N ALA A 99 3.61 -11.61 1.74
CA ALA A 99 3.80 -12.25 3.04
C ALA A 99 2.53 -12.13 3.87
N SER A 100 2.17 -13.22 4.54
CA SER A 100 1.02 -13.23 5.44
C SER A 100 1.30 -14.14 6.62
N SER A 101 0.30 -14.32 7.48
CA SER A 101 0.52 -15.00 8.75
C SER A 101 0.91 -16.45 8.53
N GLY A 102 1.98 -16.89 9.18
CA GLY A 102 2.23 -18.31 9.38
C GLY A 102 1.82 -18.79 10.76
N THR A 103 2.14 -20.04 11.07
CA THR A 103 1.89 -20.57 12.40
C THR A 103 2.99 -20.23 13.41
N THR A 104 4.15 -19.82 12.89
CA THR A 104 5.23 -19.31 13.72
C THR A 104 5.43 -17.83 13.41
N GLY A 105 6.50 -17.24 13.94
CA GLY A 105 6.79 -15.83 13.71
C GLY A 105 7.33 -15.53 12.33
N LYS A 106 7.70 -16.56 11.58
CA LYS A 106 8.04 -16.35 10.16
C LYS A 106 6.75 -16.31 9.36
N PRO A 107 6.54 -15.24 8.59
CA PRO A 107 5.39 -15.17 7.68
C PRO A 107 5.41 -16.27 6.63
N THR A 108 4.24 -16.63 6.11
CA THR A 108 4.15 -17.39 4.87
C THR A 108 4.54 -16.51 3.68
N VAL A 109 5.50 -16.97 2.88
CA VAL A 109 6.10 -16.14 1.84
C VAL A 109 5.86 -16.73 0.44
N VAL A 110 5.40 -15.89 -0.48
CA VAL A 110 5.20 -16.32 -1.87
C VAL A 110 5.89 -15.39 -2.85
N GLY A 111 6.33 -15.92 -3.99
CA GLY A 111 7.00 -15.12 -5.00
C GLY A 111 6.37 -15.26 -6.38
N TYR A 112 6.70 -14.33 -7.27
CA TYR A 112 6.05 -14.17 -8.57
C TYR A 112 7.10 -13.73 -9.59
N THR A 113 7.15 -14.39 -10.75
CA THR A 113 7.85 -13.81 -11.90
C THR A 113 7.06 -12.65 -12.47
N ALA A 114 7.68 -11.90 -13.39
CA ALA A 114 6.96 -10.91 -14.19
C ALA A 114 5.73 -11.48 -14.90
N ARG A 115 5.86 -12.66 -15.48
CA ARG A 115 4.71 -13.29 -16.09
C ARG A 115 3.62 -13.60 -15.07
N ASP A 116 4.01 -14.11 -13.90
CA ASP A 116 3.05 -14.40 -12.83
C ASP A 116 2.23 -13.15 -12.47
N ILE A 117 2.89 -11.99 -12.44
CA ILE A 117 2.21 -10.76 -12.07
C ILE A 117 1.20 -10.42 -13.15
N ASP A 118 1.59 -10.67 -14.41
CA ASP A 118 0.73 -10.42 -15.54
C ASP A 118 -0.50 -11.34 -15.49
N THR A 119 -0.26 -12.62 -15.21
CA THR A 119 -1.33 -13.61 -15.08
C THR A 119 -2.29 -13.22 -13.95
N TRP A 120 -1.71 -12.87 -12.80
CA TRP A 120 -2.49 -12.40 -11.67
C TRP A 120 -3.38 -11.20 -12.05
N ALA A 121 -2.79 -10.20 -12.72
CA ALA A 121 -3.56 -9.01 -13.10
C ALA A 121 -4.71 -9.39 -14.01
N ASN A 122 -4.45 -10.35 -14.90
CA ASN A 122 -5.42 -10.77 -15.88
C ASN A 122 -6.65 -11.44 -15.24
N VAL A 123 -6.41 -12.37 -14.31
CA VAL A 123 -7.53 -13.02 -13.62
C VAL A 123 -8.25 -12.09 -12.67
N THR A 124 -7.53 -11.11 -12.14
CA THR A 124 -8.17 -10.17 -11.22
C THR A 124 -9.01 -9.14 -11.98
N ALA A 125 -8.54 -8.73 -13.17
CA ALA A 125 -9.37 -7.96 -14.13
C ALA A 125 -10.58 -8.79 -14.58
N ARG A 126 -10.37 -10.06 -14.89
CA ARG A 126 -11.49 -10.92 -15.24
C ARG A 126 -12.55 -10.93 -14.11
N SER A 127 -12.08 -11.03 -12.87
CA SER A 127 -12.98 -11.09 -11.70
C SER A 127 -13.84 -9.84 -11.58
N ILE A 128 -13.19 -8.69 -11.68
CA ILE A 128 -13.89 -7.41 -11.54
C ILE A 128 -14.90 -7.21 -12.68
N ARG A 129 -14.51 -7.64 -13.89
CA ARG A 129 -15.45 -7.66 -15.01
C ARG A 129 -16.63 -8.62 -14.80
N ALA A 130 -16.35 -9.81 -14.29
CA ALA A 130 -17.44 -10.75 -13.97
C ALA A 130 -18.47 -10.11 -13.03
N ALA A 131 -17.96 -9.30 -12.10
CA ALA A 131 -18.81 -8.68 -11.08
C ALA A 131 -19.51 -7.43 -11.59
N GLY A 132 -19.19 -7.04 -12.82
CA GLY A 132 -19.92 -5.96 -13.48
C GLY A 132 -19.11 -4.68 -13.66
N GLY A 133 -17.85 -4.70 -13.27
CA GLY A 133 -16.98 -3.54 -13.47
C GLY A 133 -16.55 -3.40 -14.92
N ARG A 134 -16.25 -2.17 -15.33
CA ARG A 134 -15.91 -1.88 -16.71
CA ARG A 134 -15.94 -1.87 -16.72
C ARG A 134 -14.79 -0.86 -16.83
N PRO A 135 -14.08 -0.88 -17.97
CA PRO A 135 -13.16 0.23 -18.26
C PRO A 135 -13.83 1.58 -18.03
N GLY A 136 -13.12 2.49 -17.36
CA GLY A 136 -13.66 3.82 -17.12
C GLY A 136 -14.39 4.01 -15.79
N ASP A 137 -14.73 2.91 -15.14
CA ASP A 137 -15.39 3.00 -13.81
C ASP A 137 -14.37 3.47 -12.75
N THR A 138 -14.77 4.35 -11.84
CA THR A 138 -13.93 4.68 -10.70
C THR A 138 -14.05 3.58 -9.63
N LEU A 139 -12.91 3.09 -9.17
CA LEU A 139 -12.89 1.94 -8.26
C LEU A 139 -12.12 2.27 -6.99
N HIS A 140 -12.80 2.11 -5.86
CA HIS A 140 -12.24 2.45 -4.55
C HIS A 140 -11.67 1.19 -3.94
N ASN A 141 -10.35 1.09 -3.90
CA ASN A 141 -9.67 -0.11 -3.41
C ASN A 141 -9.29 0.03 -1.94
N ALA A 142 -10.09 -0.55 -1.04
CA ALA A 142 -9.85 -0.44 0.39
C ALA A 142 -9.17 -1.67 0.99
N PHE A 143 -8.71 -2.61 0.15
CA PHE A 143 -7.91 -3.73 0.66
C PHE A 143 -6.49 -3.27 0.99
N GLY A 144 -5.86 -3.91 1.96
CA GLY A 144 -4.56 -3.43 2.44
C GLY A 144 -3.44 -3.50 1.39
N TYR A 145 -2.78 -2.36 1.19
CA TYR A 145 -1.61 -2.30 0.31
C TYR A 145 -0.32 -2.61 1.09
N GLY A 146 0.51 -3.49 0.53
CA GLY A 146 1.75 -3.90 1.20
C GLY A 146 2.00 -5.39 1.04
N LEU A 147 2.40 -6.03 2.14
CA LEU A 147 2.82 -7.44 2.10
C LEU A 147 1.64 -8.37 1.86
N PHE A 148 0.47 -7.99 2.37
CA PHE A 148 -0.80 -8.66 2.05
C PHE A 148 -1.01 -8.72 0.52
N THR A 149 -1.64 -9.79 0.02
CA THR A 149 -1.88 -9.90 -1.43
C THR A 149 -3.09 -9.09 -1.91
N GLY A 150 -3.93 -8.67 -0.96
CA GLY A 150 -5.23 -8.10 -1.30
C GLY A 150 -5.13 -6.79 -2.06
N GLY A 151 -4.58 -5.76 -1.42
CA GLY A 151 -4.47 -4.43 -2.01
C GLY A 151 -3.81 -4.44 -3.38
N LEU A 152 -2.59 -4.97 -3.45
CA LEU A 152 -1.80 -4.89 -4.68
C LEU A 152 -2.35 -5.79 -5.76
N GLY A 153 -2.90 -6.93 -5.37
CA GLY A 153 -3.57 -7.79 -6.33
C GLY A 153 -4.79 -7.13 -6.96
N ILE A 154 -5.62 -6.51 -6.13
CA ILE A 154 -6.80 -5.82 -6.65
C ILE A 154 -6.36 -4.61 -7.47
N HIS A 155 -5.31 -3.93 -6.99
CA HIS A 155 -4.78 -2.77 -7.69
C HIS A 155 -4.48 -3.06 -9.17
N TYR A 156 -3.65 -4.08 -9.40
CA TYR A 156 -3.22 -4.44 -10.75
C TYR A 156 -4.38 -4.87 -11.65
N GLY A 157 -5.30 -5.66 -11.09
CA GLY A 157 -6.45 -6.13 -11.86
C GLY A 157 -7.35 -4.99 -12.28
N ALA A 158 -7.56 -4.04 -11.38
CA ALA A 158 -8.41 -2.89 -11.68
C ALA A 158 -7.77 -1.99 -12.73
N GLU A 159 -6.45 -1.81 -12.61
CA GLU A 159 -5.71 -0.94 -13.53
C GLU A 159 -5.65 -1.61 -14.91
N ARG A 160 -5.55 -2.93 -14.92
CA ARG A 160 -5.53 -3.73 -16.17
C ARG A 160 -6.88 -3.65 -16.88
N LEU A 161 -7.95 -3.57 -16.10
CA LEU A 161 -9.31 -3.40 -16.62
C LEU A 161 -9.62 -1.99 -17.12
N GLY A 162 -8.74 -1.04 -16.80
CA GLY A 162 -8.93 0.35 -17.21
C GLY A 162 -9.84 1.14 -16.28
N CYS A 163 -10.03 0.65 -15.06
CA CYS A 163 -10.68 1.44 -14.01
C CYS A 163 -9.84 2.63 -13.57
N MET A 164 -10.48 3.64 -13.00
CA MET A 164 -9.76 4.71 -12.31
C MET A 164 -9.57 4.33 -10.85
N VAL A 165 -8.37 3.86 -10.53
CA VAL A 165 -8.11 3.20 -9.25
C VAL A 165 -7.78 4.26 -8.22
N VAL A 166 -8.55 4.24 -7.12
CA VAL A 166 -8.23 5.00 -5.91
C VAL A 166 -7.54 4.07 -4.92
N PRO A 167 -6.21 4.21 -4.74
CA PRO A 167 -5.46 3.29 -3.89
C PRO A 167 -5.60 3.63 -2.40
N MET A 168 -6.81 3.46 -1.87
CA MET A 168 -7.14 3.94 -0.53
C MET A 168 -6.39 3.13 0.55
N SER A 169 -6.25 1.83 0.31
CA SER A 169 -5.84 0.89 1.35
C SER A 169 -6.85 0.87 2.50
N GLY A 170 -6.47 0.31 3.64
CA GLY A 170 -7.41 -0.35 4.53
C GLY A 170 -7.86 0.35 5.81
N GLY A 171 -7.41 1.57 6.05
CA GLY A 171 -7.83 2.25 7.29
C GLY A 171 -8.35 3.65 7.07
N GLN A 172 -8.15 4.51 8.06
CA GLN A 172 -8.60 5.90 7.97
C GLN A 172 -10.06 6.01 7.58
N THR A 173 -10.93 5.63 8.51
CA THR A 173 -12.36 5.50 8.24
C THR A 173 -13.04 6.78 7.77
N GLU A 174 -12.77 7.89 8.43
CA GLU A 174 -13.37 9.18 8.01
C GLU A 174 -12.92 9.57 6.61
N LYS A 175 -11.64 9.32 6.31
CA LYS A 175 -11.09 9.64 5.00
C LYS A 175 -11.65 8.77 3.88
N GLN A 176 -11.86 7.48 4.19
CA GLN A 176 -12.51 6.57 3.25
C GLN A 176 -13.82 7.17 2.75
N VAL A 177 -14.61 7.69 3.68
CA VAL A 177 -15.96 8.12 3.36
C VAL A 177 -15.91 9.49 2.69
N GLN A 178 -14.96 10.31 3.11
CA GLN A 178 -14.69 11.59 2.44
C GLN A 178 -14.44 11.38 0.95
N LEU A 179 -13.59 10.41 0.63
CA LEU A 179 -13.21 10.16 -0.76
C LEU A 179 -14.24 9.39 -1.58
N ILE A 180 -15.03 8.54 -0.91
CA ILE A 180 -16.17 7.94 -1.58
C ILE A 180 -17.16 9.03 -2.00
N ARG A 181 -17.43 9.98 -1.09
CA ARG A 181 -18.25 11.14 -1.41
C ARG A 181 -17.65 12.00 -2.52
N ASP A 182 -16.36 12.27 -2.46
CA ASP A 182 -15.75 13.31 -3.29
C ASP A 182 -15.34 12.76 -4.66
N PHE A 183 -14.86 11.52 -4.69
CA PHE A 183 -14.37 10.91 -5.94
C PHE A 183 -15.47 10.15 -6.70
N GLU A 184 -16.55 9.81 -6.00
CA GLU A 184 -17.67 9.09 -6.61
C GLU A 184 -17.28 7.79 -7.33
N PRO A 185 -16.69 6.85 -6.58
CA PRO A 185 -16.48 5.52 -7.14
C PRO A 185 -17.79 4.81 -7.48
N LYS A 186 -17.80 4.08 -8.60
CA LYS A 186 -18.88 3.14 -8.88
C LYS A 186 -18.69 1.80 -8.16
N ILE A 187 -17.44 1.45 -7.89
CA ILE A 187 -17.13 0.11 -7.36
C ILE A 187 -16.30 0.26 -6.10
N ILE A 188 -16.59 -0.54 -5.08
CA ILE A 188 -15.71 -0.58 -3.89
C ILE A 188 -15.21 -1.99 -3.69
N LEU A 189 -13.93 -2.11 -3.40
CA LEU A 189 -13.32 -3.38 -3.04
C LEU A 189 -12.84 -3.34 -1.62
N VAL A 190 -13.35 -4.24 -0.79
CA VAL A 190 -13.20 -4.07 0.66
C VAL A 190 -13.62 -5.36 1.37
N THR A 191 -13.05 -5.61 2.55
CA THR A 191 -13.59 -6.69 3.36
C THR A 191 -15.06 -6.46 3.68
N PRO A 192 -15.84 -7.54 3.82
CA PRO A 192 -17.24 -7.38 4.20
C PRO A 192 -17.38 -6.75 5.58
N SER A 193 -16.48 -7.09 6.51
CA SER A 193 -16.53 -6.48 7.84
C SER A 193 -16.25 -4.98 7.82
N TYR A 194 -15.25 -4.55 7.08
CA TYR A 194 -14.95 -3.13 7.05
C TYR A 194 -16.02 -2.35 6.28
N MET A 195 -16.64 -2.97 5.28
CA MET A 195 -17.79 -2.32 4.61
C MET A 195 -18.86 -1.87 5.62
N LEU A 196 -19.14 -2.69 6.63
CA LEU A 196 -20.10 -2.29 7.67
C LEU A 196 -19.62 -1.09 8.48
N ASN A 197 -18.33 -1.06 8.82
CA ASN A 197 -17.76 0.13 9.46
C ASN A 197 -17.94 1.37 8.61
N LEU A 198 -17.73 1.25 7.31
CA LEU A 198 -17.85 2.38 6.40
C LEU A 198 -19.30 2.91 6.34
N ILE A 199 -20.27 2.00 6.38
CA ILE A 199 -21.68 2.39 6.35
C ILE A 199 -22.01 3.19 7.62
N ASP A 200 -21.44 2.76 8.75
CA ASP A 200 -21.66 3.44 10.02
C ASP A 200 -21.11 4.85 9.96
N GLU A 201 -19.96 5.00 9.30
CA GLU A 201 -19.31 6.30 9.22
C GLU A 201 -20.09 7.24 8.30
N MET A 202 -20.64 6.71 7.21
CA MET A 202 -21.57 7.49 6.38
C MET A 202 -22.71 8.09 7.21
N VAL A 203 -23.35 7.27 8.03
CA VAL A 203 -24.39 7.75 8.93
C VAL A 203 -23.90 8.85 9.89
N ARG A 204 -22.74 8.65 10.52
CA ARG A 204 -22.21 9.65 11.45
C ARG A 204 -21.84 10.95 10.71
N GLN A 205 -21.58 10.85 9.41
CA GLN A 205 -21.28 12.05 8.62
C GLN A 205 -22.53 12.71 8.05
N GLY A 206 -23.70 12.11 8.28
CA GLY A 206 -24.96 12.67 7.81
C GLY A 206 -25.25 12.26 6.38
N MET A 207 -24.55 11.25 5.91
CA MET A 207 -24.73 10.77 4.54
C MET A 207 -25.57 9.51 4.56
N ASP A 208 -26.74 9.53 3.91
CA ASP A 208 -27.51 8.31 3.79
C ASP A 208 -26.74 7.35 2.88
N PRO A 209 -26.56 6.10 3.32
CA PRO A 209 -25.65 5.19 2.63
C PRO A 209 -26.13 4.89 1.21
N ALA A 210 -27.41 5.15 0.95
CA ALA A 210 -27.98 4.91 -0.39
C ALA A 210 -27.77 6.10 -1.31
N GLU A 211 -27.33 7.23 -0.75
CA GLU A 211 -26.98 8.40 -1.55
C GLU A 211 -25.52 8.41 -2.01
N SER A 212 -24.94 7.24 -2.24
CA SER A 212 -23.58 7.18 -2.74
C SER A 212 -23.54 6.77 -4.21
N SER A 213 -22.41 7.05 -4.85
CA SER A 213 -22.23 6.74 -6.25
C SER A 213 -22.07 5.23 -6.46
N LEU A 214 -21.78 4.49 -5.39
CA LEU A 214 -21.48 3.07 -5.51
C LEU A 214 -22.62 2.31 -6.18
N LYS A 215 -22.29 1.45 -7.14
CA LYS A 215 -23.26 0.48 -7.69
C LYS A 215 -22.85 -0.98 -7.50
N ILE A 216 -21.57 -1.21 -7.20
CA ILE A 216 -21.03 -2.56 -7.09
C ILE A 216 -20.08 -2.60 -5.91
N GLY A 217 -20.27 -3.59 -5.04
CA GLY A 217 -19.28 -3.91 -4.01
C GLY A 217 -18.75 -5.31 -4.24
N ILE A 218 -17.43 -5.44 -4.20
CA ILE A 218 -16.81 -6.75 -4.31
C ILE A 218 -16.02 -7.10 -3.04
N PHE A 219 -16.53 -8.08 -2.29
CA PHE A 219 -16.11 -8.32 -0.91
C PHE A 219 -15.38 -9.64 -0.82
N GLY A 220 -14.31 -9.68 -0.04
CA GLY A 220 -13.64 -10.93 0.22
C GLY A 220 -12.60 -10.86 1.32
N ALA A 221 -11.73 -11.87 1.34
CA ALA A 221 -10.66 -12.02 2.34
C ALA A 221 -11.13 -12.71 3.62
N GLU A 222 -12.43 -12.96 3.71
CA GLU A 222 -13.03 -13.60 4.87
C GLU A 222 -14.47 -13.96 4.53
N PRO A 223 -15.09 -14.88 5.30
CA PRO A 223 -16.48 -15.30 5.03
C PRO A 223 -17.46 -14.17 5.26
N TRP A 224 -18.56 -14.16 4.52
CA TRP A 224 -19.71 -13.32 4.84
C TRP A 224 -21.02 -14.00 4.46
N THR A 225 -22.10 -13.60 5.13
CA THR A 225 -23.40 -14.25 5.02
C THR A 225 -24.31 -13.59 3.98
N GLN A 226 -25.31 -14.35 3.52
CA GLN A 226 -26.49 -13.79 2.85
C GLN A 226 -27.09 -12.58 3.56
N ALA A 227 -27.16 -12.63 4.88
CA ALA A 227 -27.78 -11.56 5.64
C ALA A 227 -26.97 -10.27 5.53
N LEU A 228 -25.65 -10.37 5.74
CA LEU A 228 -24.76 -9.25 5.41
C LEU A 228 -24.96 -8.76 3.99
N ARG A 229 -25.06 -9.67 3.04
CA ARG A 229 -25.28 -9.27 1.66
C ARG A 229 -26.56 -8.44 1.50
N ASN A 230 -27.67 -8.95 2.05
CA ASN A 230 -28.95 -8.25 1.90
C ASN A 230 -28.89 -6.89 2.57
N GLU A 231 -28.20 -6.83 3.70
CA GLU A 231 -28.12 -5.61 4.49
C GLU A 231 -27.31 -4.52 3.77
N VAL A 232 -26.18 -4.92 3.19
CA VAL A 232 -25.39 -4.00 2.38
C VAL A 232 -26.11 -3.61 1.09
N GLU A 233 -26.64 -4.59 0.37
CA GLU A 233 -27.28 -4.30 -0.92
C GLU A 233 -28.45 -3.35 -0.73
N THR A 234 -29.18 -3.54 0.36
CA THR A 234 -30.38 -2.75 0.63
C THR A 234 -30.01 -1.34 1.08
N ARG A 235 -29.08 -1.23 2.03
CA ARG A 235 -28.72 0.06 2.59
C ARG A 235 -27.91 0.93 1.65
N VAL A 236 -27.05 0.32 0.84
CA VAL A 236 -26.16 1.08 -0.03
C VAL A 236 -26.65 1.13 -1.49
N GLY A 237 -27.57 0.24 -1.82
CA GLY A 237 -28.17 0.26 -3.15
C GLY A 237 -27.19 -0.27 -4.18
N ILE A 238 -26.57 -1.41 -3.86
CA ILE A 238 -25.55 -1.99 -4.76
C ILE A 238 -25.85 -3.46 -4.97
N ASP A 239 -25.27 -4.03 -6.02
CA ASP A 239 -24.97 -5.46 -6.07
C ASP A 239 -23.69 -5.79 -5.32
N ALA A 240 -23.75 -6.77 -4.43
CA ALA A 240 -22.55 -7.22 -3.71
C ALA A 240 -22.12 -8.57 -4.25
N LEU A 241 -20.84 -8.68 -4.57
CA LEU A 241 -20.31 -9.89 -5.20
C LEU A 241 -19.13 -10.45 -4.40
N ASP A 242 -18.96 -11.76 -4.45
CA ASP A 242 -17.99 -12.47 -3.61
C ASP A 242 -16.69 -12.75 -4.38
N ILE A 243 -15.57 -12.23 -3.89
CA ILE A 243 -14.28 -12.52 -4.51
C ILE A 243 -13.37 -13.33 -3.59
N TYR A 244 -12.87 -14.46 -4.09
CA TYR A 244 -12.13 -15.38 -3.23
C TYR A 244 -10.65 -15.48 -3.63
N GLY A 245 -9.80 -15.78 -2.65
CA GLY A 245 -8.47 -16.32 -2.95
C GLY A 245 -7.63 -16.52 -1.71
N LEU A 246 -6.36 -16.87 -1.91
CA LEU A 246 -5.43 -17.05 -0.80
C LEU A 246 -4.02 -16.88 -1.33
N SER A 247 -3.13 -16.35 -0.51
CA SER A 247 -1.80 -15.93 -0.98
CA SER A 247 -1.81 -15.93 -0.98
C SER A 247 -1.03 -17.06 -1.65
N GLU A 248 -1.12 -18.26 -1.10
CA GLU A 248 -0.33 -19.39 -1.63
C GLU A 248 -0.69 -19.72 -3.06
N VAL A 249 -1.94 -19.49 -3.43
CA VAL A 249 -2.37 -19.84 -4.77
C VAL A 249 -2.11 -18.71 -5.75
N MET A 250 -2.44 -17.48 -5.35
CA MET A 250 -2.02 -16.27 -6.05
C MET A 250 -2.33 -15.03 -5.20
N GLY A 251 -3.53 -15.00 -4.64
CA GLY A 251 -4.06 -13.83 -3.91
C GLY A 251 -5.55 -13.77 -4.17
N PRO A 252 -6.14 -12.56 -4.09
CA PRO A 252 -7.51 -12.39 -4.61
C PRO A 252 -7.55 -12.74 -6.10
N GLY A 253 -8.72 -13.12 -6.58
CA GLY A 253 -8.91 -13.39 -8.00
C GLY A 253 -8.66 -14.83 -8.40
N VAL A 254 -8.62 -15.73 -7.42
CA VAL A 254 -8.70 -17.17 -7.69
C VAL A 254 -10.09 -17.55 -8.18
N ALA A 255 -11.11 -16.94 -7.57
CA ALA A 255 -12.50 -17.15 -7.96
C ALA A 255 -13.29 -15.87 -7.71
N CYS A 256 -14.30 -15.59 -8.53
CA CYS A 256 -15.13 -14.42 -8.34
C CYS A 256 -16.54 -14.58 -8.88
N GLU A 257 -17.50 -13.96 -8.21
CA GLU A 257 -18.90 -14.16 -8.50
C GLU A 257 -19.30 -13.34 -9.72
N CYS A 258 -20.24 -13.86 -10.50
CA CYS A 258 -20.76 -13.16 -11.67
C CYS A 258 -22.05 -12.45 -11.31
N VAL A 259 -22.14 -11.19 -11.69
CA VAL A 259 -23.31 -10.41 -11.33
C VAL A 259 -24.56 -10.84 -12.10
N GLU A 260 -24.38 -11.53 -13.23
CA GLU A 260 -25.54 -11.97 -14.01
C GLU A 260 -26.33 -13.07 -13.29
N THR A 261 -25.68 -13.81 -12.42
CA THR A 261 -26.35 -14.95 -11.76
C THR A 261 -26.30 -14.88 -10.23
N LYS A 262 -25.27 -14.21 -9.71
CA LYS A 262 -25.06 -14.09 -8.27
C LYS A 262 -25.21 -15.41 -7.53
N ASP A 263 -24.51 -16.43 -8.02
CA ASP A 263 -24.68 -17.77 -7.48
C ASP A 263 -23.33 -18.33 -7.04
N GLY A 264 -22.48 -17.46 -6.49
CA GLY A 264 -21.26 -17.90 -5.80
C GLY A 264 -20.02 -17.73 -6.67
N PRO A 265 -18.83 -17.70 -6.05
CA PRO A 265 -17.66 -17.34 -6.85
C PRO A 265 -17.42 -18.38 -7.97
N VAL A 266 -17.12 -17.91 -9.18
CA VAL A 266 -16.64 -18.78 -10.26
C VAL A 266 -15.13 -18.96 -10.14
N ILE A 267 -14.70 -20.21 -10.05
CA ILE A 267 -13.28 -20.57 -9.95
C ILE A 267 -12.60 -20.48 -11.32
N TRP A 268 -11.52 -19.71 -11.42
CA TRP A 268 -10.87 -19.53 -12.71
C TRP A 268 -9.93 -20.69 -12.98
N GLU A 269 -10.56 -21.85 -13.27
CA GLU A 269 -9.88 -23.14 -13.18
C GLU A 269 -9.13 -23.48 -14.48
N ASP A 270 -9.02 -22.49 -15.37
CA ASP A 270 -7.99 -22.52 -16.40
C ASP A 270 -6.61 -22.14 -15.84
N HIS A 271 -6.60 -21.57 -14.64
CA HIS A 271 -5.37 -21.17 -13.93
C HIS A 271 -5.20 -21.92 -12.61
N PHE A 272 -6.32 -22.17 -11.93
CA PHE A 272 -6.31 -22.70 -10.58
C PHE A 272 -7.25 -23.90 -10.51
N TYR A 273 -6.68 -25.10 -10.43
CA TYR A 273 -7.43 -26.34 -10.62
C TYR A 273 -7.90 -26.88 -9.27
N PRO A 274 -9.23 -26.89 -9.05
CA PRO A 274 -9.77 -27.19 -7.74
C PRO A 274 -10.09 -28.67 -7.58
N GLU A 275 -9.93 -29.15 -6.36
CA GLU A 275 -10.44 -30.44 -5.93
C GLU A 275 -11.14 -30.23 -4.60
N ILE A 276 -12.05 -31.13 -4.26
CA ILE A 276 -12.63 -31.18 -2.92
C ILE A 276 -12.31 -32.55 -2.29
N ILE A 277 -11.76 -32.53 -1.08
CA ILE A 277 -11.41 -33.78 -0.37
C ILE A 277 -12.13 -33.87 0.96
N ASP A 278 -12.31 -35.10 1.47
CA ASP A 278 -12.62 -35.25 2.89
C ASP A 278 -11.42 -34.73 3.70
N PRO A 279 -11.67 -33.82 4.65
CA PRO A 279 -10.54 -33.20 5.36
C PRO A 279 -9.83 -34.16 6.29
N VAL A 280 -10.50 -35.26 6.66
CA VAL A 280 -9.92 -36.24 7.58
C VAL A 280 -9.11 -37.30 6.83
N THR A 281 -9.66 -37.83 5.74
CA THR A 281 -9.04 -38.95 5.05
C THR A 281 -8.19 -38.53 3.84
N GLY A 282 -8.57 -37.41 3.22
CA GLY A 282 -7.87 -36.93 2.04
C GLY A 282 -8.43 -37.49 0.74
N GLU A 283 -9.51 -38.27 0.82
CA GLU A 283 -10.08 -38.84 -0.39
C GLU A 283 -10.86 -37.78 -1.18
N VAL A 284 -10.74 -37.84 -2.50
CA VAL A 284 -11.42 -36.89 -3.39
C VAL A 284 -12.93 -37.17 -3.40
N LEU A 285 -13.72 -36.10 -3.33
CA LEU A 285 -15.18 -36.23 -3.29
C LEU A 285 -15.80 -35.72 -4.58
N PRO A 286 -16.96 -36.31 -4.97
CA PRO A 286 -17.62 -35.88 -6.20
C PRO A 286 -18.23 -34.48 -6.07
N ASP A 287 -18.35 -33.79 -7.20
CA ASP A 287 -18.87 -32.44 -7.22
C ASP A 287 -20.24 -32.36 -6.54
N GLY A 288 -20.45 -31.34 -5.73
CA GLY A 288 -21.66 -31.24 -4.92
C GLY A 288 -21.48 -31.67 -3.48
N SER A 289 -20.43 -32.43 -3.20
CA SER A 289 -20.16 -32.88 -1.83
C SER A 289 -19.32 -31.87 -1.07
N GLN A 290 -19.74 -31.61 0.17
CA GLN A 290 -19.01 -30.74 1.07
C GLN A 290 -17.71 -31.37 1.59
N GLY A 291 -16.60 -30.66 1.42
CA GLY A 291 -15.32 -31.05 2.00
C GLY A 291 -14.32 -29.91 1.94
N GLU A 292 -13.04 -30.25 1.80
CA GLU A 292 -11.99 -29.23 1.87
C GLU A 292 -11.41 -28.89 0.50
N LEU A 293 -11.27 -27.60 0.23
CA LEU A 293 -10.84 -27.13 -1.08
C LEU A 293 -9.31 -27.19 -1.24
N VAL A 294 -8.88 -27.83 -2.33
CA VAL A 294 -7.47 -28.02 -2.66
C VAL A 294 -7.21 -27.43 -4.05
N PHE A 295 -6.07 -26.75 -4.22
CA PHE A 295 -5.72 -26.15 -5.51
C PHE A 295 -4.40 -26.67 -6.07
N THR A 296 -4.38 -26.82 -7.39
CA THR A 296 -3.14 -26.99 -8.13
C THR A 296 -3.01 -25.89 -9.20
N SER A 297 -1.94 -25.10 -9.11
CA SER A 297 -1.77 -24.03 -10.08
C SER A 297 -1.39 -24.62 -11.44
N LEU A 298 -1.85 -23.96 -12.50
CA LEU A 298 -1.68 -24.42 -13.88
C LEU A 298 -0.76 -23.49 -14.68
N THR A 299 -0.53 -22.28 -14.17
CA THR A 299 0.21 -21.28 -14.95
C THR A 299 1.29 -20.53 -14.17
N LYS A 300 1.47 -20.87 -12.89
CA LYS A 300 2.45 -20.18 -12.06
C LYS A 300 3.88 -20.66 -12.31
N GLU A 301 4.79 -19.70 -12.50
CA GLU A 301 6.19 -20.00 -12.77
C GLU A 301 7.07 -20.04 -11.52
N ALA A 302 7.03 -18.98 -10.71
CA ALA A 302 7.96 -18.85 -9.61
C ALA A 302 7.69 -19.85 -8.50
N MET A 303 6.42 -19.98 -8.12
CA MET A 303 6.03 -20.92 -7.08
C MET A 303 4.80 -21.73 -7.46
N PRO A 304 4.99 -22.69 -8.37
CA PRO A 304 3.91 -23.63 -8.63
C PRO A 304 3.45 -24.29 -7.32
N VAL A 305 2.15 -24.44 -7.13
CA VAL A 305 1.66 -25.19 -5.98
C VAL A 305 0.89 -26.41 -6.41
N ILE A 306 1.19 -27.54 -5.77
CA ILE A 306 0.65 -28.83 -6.20
C ILE A 306 -0.22 -29.43 -5.09
N ARG A 307 -1.52 -29.52 -5.36
CA ARG A 307 -2.52 -30.03 -4.43
C ARG A 307 -2.39 -29.36 -3.08
N TYR A 308 -2.35 -28.04 -3.12
CA TYR A 308 -2.24 -27.25 -1.91
C TYR A 308 -3.55 -27.21 -1.12
N ARG A 309 -3.50 -27.64 0.14
CA ARG A 309 -4.70 -27.76 0.96
C ARG A 309 -5.06 -26.39 1.58
N THR A 310 -6.19 -25.81 1.16
CA THR A 310 -6.56 -24.47 1.62
C THR A 310 -7.02 -24.51 3.07
N ARG A 311 -7.44 -25.68 3.54
CA ARG A 311 -8.23 -25.84 4.77
C ARG A 311 -9.62 -25.18 4.77
N ASP A 312 -10.05 -24.63 3.64
CA ASP A 312 -11.39 -24.04 3.55
C ASP A 312 -12.44 -25.12 3.25
N LEU A 313 -13.51 -25.14 4.04
CA LEU A 313 -14.62 -26.06 3.80
C LEU A 313 -15.67 -25.45 2.87
N THR A 314 -16.03 -26.20 1.82
CA THR A 314 -16.89 -25.70 0.75
C THR A 314 -17.25 -26.87 -0.17
N ALA A 315 -17.79 -26.58 -1.35
CA ALA A 315 -18.08 -27.62 -2.32
C ALA A 315 -18.02 -27.01 -3.73
N LEU A 316 -17.73 -27.85 -4.72
CA LEU A 316 -17.78 -27.45 -6.12
C LEU A 316 -19.16 -27.63 -6.73
N LEU A 317 -19.58 -26.63 -7.49
CA LEU A 317 -20.89 -26.63 -8.13
C LEU A 317 -20.75 -26.45 -9.63
N PRO A 318 -21.75 -26.90 -10.40
CA PRO A 318 -21.66 -26.89 -11.86
C PRO A 318 -21.67 -25.49 -12.48
N PRO A 319 -21.09 -25.35 -13.68
CA PRO A 319 -20.98 -24.08 -14.37
C PRO A 319 -22.36 -23.50 -14.66
N THR A 320 -22.46 -22.17 -14.63
CA THR A 320 -23.68 -21.49 -15.03
C THR A 320 -23.39 -20.36 -16.01
N ALA A 321 -22.92 -19.22 -15.49
CA ALA A 321 -22.65 -18.04 -16.31
C ALA A 321 -21.30 -18.10 -17.03
N ARG A 322 -20.45 -19.05 -16.66
CA ARG A 322 -19.16 -19.23 -17.30
C ARG A 322 -18.95 -20.71 -17.65
N ALA A 323 -17.84 -21.01 -18.32
CA ALA A 323 -17.45 -22.41 -18.58
C ALA A 323 -16.97 -23.14 -17.32
N MET A 324 -16.72 -22.39 -16.26
CA MET A 324 -16.04 -22.93 -15.08
C MET A 324 -17.03 -23.21 -13.94
N ARG A 325 -16.61 -24.06 -13.00
CA ARG A 325 -17.42 -24.38 -11.83
C ARG A 325 -17.39 -23.27 -10.80
N ARG A 326 -18.21 -23.43 -9.75
CA ARG A 326 -18.35 -22.42 -8.72
C ARG A 326 -18.01 -23.03 -7.35
N LEU A 327 -17.80 -22.16 -6.37
CA LEU A 327 -17.73 -22.58 -4.96
C LEU A 327 -19.08 -22.39 -4.27
N ALA A 328 -19.45 -23.36 -3.43
CA ALA A 328 -20.55 -23.17 -2.50
C ALA A 328 -20.09 -22.28 -1.36
N LYS A 329 -21.00 -22.02 -0.41
CA LYS A 329 -20.66 -21.29 0.80
C LYS A 329 -19.36 -21.80 1.39
N ILE A 330 -18.50 -20.89 1.79
CA ILE A 330 -17.36 -21.26 2.64
C ILE A 330 -17.75 -21.19 4.12
N THR A 331 -17.93 -22.38 4.70
CA THR A 331 -18.69 -22.55 5.95
C THR A 331 -17.74 -22.61 7.15
N GLY A 332 -16.43 -22.69 6.88
CA GLY A 332 -15.42 -22.69 7.94
C GLY A 332 -14.08 -23.26 7.50
N ARG A 333 -13.27 -23.67 8.46
CA ARG A 333 -11.98 -24.28 8.13
C ARG A 333 -11.74 -25.57 8.88
N SER A 334 -10.86 -26.40 8.34
CA SER A 334 -10.49 -27.66 8.95
C SER A 334 -9.25 -27.57 9.85
N ASP A 335 -8.71 -26.37 10.05
CA ASP A 335 -7.65 -26.14 11.05
C ASP A 335 -8.11 -25.15 12.13
N ASP A 336 -7.18 -24.53 12.85
CA ASP A 336 -7.55 -23.64 13.94
C ASP A 336 -7.36 -22.16 13.61
N MET A 337 -7.27 -21.84 12.33
CA MET A 337 -6.96 -20.48 11.93
C MET A 337 -8.15 -19.55 12.13
N LEU A 338 -7.86 -18.37 12.67
CA LEU A 338 -8.86 -17.34 12.83
C LEU A 338 -8.70 -16.31 11.72
N ILE A 339 -9.81 -15.70 11.32
CA ILE A 339 -9.75 -14.50 10.50
C ILE A 339 -10.46 -13.36 11.18
N VAL A 340 -9.72 -12.29 11.45
CA VAL A 340 -10.28 -11.11 12.08
C VAL A 340 -10.09 -9.90 11.17
N ARG A 341 -11.21 -9.39 10.65
CA ARG A 341 -11.19 -8.25 9.75
C ARG A 341 -10.30 -8.52 8.55
N GLY A 342 -10.36 -9.75 8.05
CA GLY A 342 -9.65 -10.13 6.83
C GLY A 342 -8.24 -10.64 7.09
N VAL A 343 -7.78 -10.47 8.32
CA VAL A 343 -6.41 -10.84 8.72
C VAL A 343 -6.37 -12.26 9.29
N ASN A 344 -5.61 -13.14 8.63
CA ASN A 344 -5.36 -14.48 9.16
C ASN A 344 -4.54 -14.43 10.47
N VAL A 345 -5.03 -15.13 11.50
CA VAL A 345 -4.34 -15.23 12.78
C VAL A 345 -4.35 -16.69 13.27
N PHE A 346 -3.19 -17.24 13.57
CA PHE A 346 -3.10 -18.53 14.25
C PHE A 346 -2.88 -18.32 15.75
N PRO A 347 -3.56 -19.13 16.57
CA PRO A 347 -3.32 -19.10 18.01
C PRO A 347 -1.84 -19.31 18.35
N SER A 348 -1.15 -20.14 17.59
CA SER A 348 0.26 -20.43 17.86
C SER A 348 1.14 -19.20 17.60
N GLN A 349 0.71 -18.38 16.65
CA GLN A 349 1.34 -17.09 16.38
C GLN A 349 1.34 -16.24 17.66
N ILE A 350 0.16 -16.13 18.25
CA ILE A 350 -0.02 -15.35 19.47
C ILE A 350 0.81 -15.97 20.61
N GLU A 351 0.79 -17.30 20.69
CA GLU A 351 1.53 -18.00 21.72
C GLU A 351 3.01 -17.63 21.71
N GLU A 352 3.64 -17.72 20.55
CA GLU A 352 5.04 -17.35 20.38
C GLU A 352 5.36 -15.97 20.92
N ILE A 353 4.48 -15.00 20.62
CA ILE A 353 4.67 -13.64 21.10
C ILE A 353 4.46 -13.53 22.61
N VAL A 354 3.44 -14.21 23.12
CA VAL A 354 3.21 -14.27 24.57
C VAL A 354 4.40 -14.85 25.31
N VAL A 355 4.92 -16.00 24.86
CA VAL A 355 6.03 -16.65 25.55
C VAL A 355 7.31 -15.81 25.51
N ALA A 356 7.44 -14.94 24.51
CA ALA A 356 8.64 -14.14 24.36
C ALA A 356 8.86 -13.14 25.50
N LEU A 357 7.77 -12.78 26.18
CA LEU A 357 7.85 -11.92 27.38
C LEU A 357 8.15 -12.75 28.63
N PRO A 358 9.33 -12.52 29.24
CA PRO A 358 9.85 -13.42 30.27
C PRO A 358 9.06 -13.38 31.59
N LEU A 359 8.22 -12.37 31.77
CA LEU A 359 7.35 -12.30 32.94
C LEU A 359 6.10 -13.16 32.83
N LEU A 360 5.80 -13.59 31.60
CA LEU A 360 4.58 -14.36 31.33
C LEU A 360 4.89 -15.84 31.24
N SER A 361 3.99 -16.68 31.74
CA SER A 361 4.20 -18.12 31.77
C SER A 361 4.09 -18.77 30.40
N GLY A 362 3.32 -18.15 29.52
CA GLY A 362 2.89 -18.78 28.27
C GLY A 362 1.42 -19.17 28.26
N GLN A 363 0.81 -19.23 29.44
CA GLN A 363 -0.62 -19.55 29.55
C GLN A 363 -1.45 -18.38 29.02
N PHE A 364 -2.40 -18.68 28.14
CA PHE A 364 -3.16 -17.63 27.45
C PHE A 364 -4.50 -18.13 26.93
N GLN A 365 -5.44 -17.20 26.76
CA GLN A 365 -6.74 -17.53 26.23
C GLN A 365 -7.28 -16.38 25.40
N ILE A 366 -7.54 -16.67 24.12
CA ILE A 366 -8.18 -15.72 23.23
C ILE A 366 -9.70 -15.92 23.31
N THR A 367 -10.43 -14.84 23.55
CA THR A 367 -11.87 -14.83 23.39
C THR A 367 -12.26 -13.87 22.28
N LEU A 368 -12.92 -14.41 21.25
CA LEU A 368 -13.53 -13.59 20.21
C LEU A 368 -15.00 -13.34 20.54
N SER A 369 -15.45 -12.11 20.29
CA SER A 369 -16.85 -11.77 20.51
C SER A 369 -17.29 -10.74 19.50
N ARG A 370 -18.60 -10.49 19.44
CA ARG A 370 -19.14 -9.46 18.57
C ARG A 370 -19.66 -8.26 19.35
N ASP A 371 -19.06 -7.10 19.09
CA ASP A 371 -19.51 -5.85 19.67
C ASP A 371 -20.29 -5.08 18.60
N GLY A 372 -21.61 -5.22 18.62
CA GLY A 372 -22.45 -4.86 17.50
C GLY A 372 -22.27 -5.79 16.31
N HIS A 373 -21.65 -5.30 15.25
CA HIS A 373 -21.28 -6.14 14.12
C HIS A 373 -19.76 -6.32 14.03
N MET A 374 -19.04 -5.67 14.94
CA MET A 374 -17.58 -5.68 14.92
C MET A 374 -17.03 -6.84 15.75
N ASP A 375 -16.07 -7.55 15.18
CA ASP A 375 -15.34 -8.58 15.92
C ASP A 375 -14.44 -7.94 16.96
N ARG A 376 -14.41 -8.52 18.15
CA ARG A 376 -13.43 -8.12 19.17
C ARG A 376 -12.56 -9.31 19.59
N LEU A 377 -11.25 -9.12 19.57
CA LEU A 377 -10.31 -10.12 20.06
C LEU A 377 -9.76 -9.70 21.42
N ASP A 378 -10.04 -10.49 22.45
CA ASP A 378 -9.54 -10.23 23.79
C ASP A 378 -8.60 -11.33 24.29
N LEU A 379 -7.45 -10.93 24.83
CA LEU A 379 -6.37 -11.86 25.12
C LEU A 379 -6.05 -11.82 26.62
N ALA A 380 -6.27 -12.92 27.31
CA ALA A 380 -5.83 -13.06 28.70
C ALA A 380 -4.53 -13.87 28.77
N VAL A 381 -3.56 -13.37 29.52
CA VAL A 381 -2.27 -14.05 29.71
C VAL A 381 -1.92 -14.09 31.20
N GLU A 382 -1.19 -15.11 31.64
CA GLU A 382 -0.82 -15.21 33.05
C GLU A 382 0.64 -14.85 33.30
N LEU A 383 0.87 -14.09 34.36
CA LEU A 383 2.19 -14.02 34.99
C LEU A 383 2.66 -15.40 35.44
N ARG A 384 3.96 -15.62 35.37
CA ARG A 384 4.64 -16.57 36.25
C ARG A 384 4.32 -16.28 37.72
N SER A 385 4.26 -17.32 38.54
CA SER A 385 3.94 -17.13 39.96
C SER A 385 4.96 -16.29 40.72
N GLU A 386 6.25 -16.47 40.40
CA GLU A 386 7.29 -15.72 41.11
C GLU A 386 7.22 -14.23 40.81
N ALA A 387 6.41 -13.88 39.81
CA ALA A 387 6.40 -12.52 39.28
C ALA A 387 5.26 -11.70 39.88
N ALA A 388 4.14 -12.36 40.20
CA ALA A 388 3.03 -11.70 40.87
C ALA A 388 3.52 -10.99 42.13
N ALA A 389 4.58 -11.54 42.74
CA ALA A 389 5.09 -11.04 44.01
C ALA A 389 5.70 -9.64 43.92
N SER A 390 6.11 -9.25 42.72
CA SER A 390 7.13 -8.22 42.57
C SER A 390 6.76 -7.21 41.48
N VAL A 391 5.96 -7.66 40.52
CA VAL A 391 5.48 -6.80 39.44
C VAL A 391 4.44 -5.81 39.96
N THR A 392 4.69 -4.53 39.74
CA THR A 392 3.78 -3.46 40.17
C THR A 392 2.60 -3.33 39.22
N ASP A 393 1.51 -2.73 39.70
CA ASP A 393 0.31 -2.53 38.88
C ASP A 393 0.61 -1.73 37.60
N GLY A 394 1.43 -0.70 37.74
CA GLY A 394 1.86 0.09 36.59
C GLY A 394 2.73 -0.70 35.64
N GLU A 395 3.52 -1.63 36.17
CA GLU A 395 4.35 -2.48 35.33
C GLU A 395 3.54 -3.47 34.49
N ARG A 396 2.45 -3.98 35.06
CA ARG A 396 1.62 -4.96 34.36
C ARG A 396 0.63 -4.35 33.36
N ALA A 397 0.27 -3.09 33.57
CA ALA A 397 -0.43 -2.31 32.56
C ALA A 397 0.43 -2.09 31.31
N ALA A 398 1.68 -1.66 31.53
CA ALA A 398 2.62 -1.46 30.43
C ALA A 398 2.94 -2.76 29.73
N LEU A 399 2.97 -3.85 30.50
CA LEU A 399 3.14 -5.18 29.93
C LEU A 399 2.00 -5.52 28.98
N ALA A 400 0.76 -5.23 29.40
CA ALA A 400 -0.40 -5.36 28.52
C ALA A 400 -0.29 -4.54 27.23
N ARG A 401 0.01 -3.23 27.36
CA ARG A 401 0.25 -2.39 26.18
C ARG A 401 1.35 -2.94 25.26
N GLU A 402 2.48 -3.29 25.85
CA GLU A 402 3.60 -3.80 25.06
C GLU A 402 3.21 -5.04 24.27
N LEU A 403 2.46 -5.92 24.91
CA LEU A 403 2.01 -7.16 24.27
C LEU A 403 1.04 -6.85 23.14
N GLN A 404 0.13 -5.91 23.40
CA GLN A 404 -0.81 -5.44 22.38
C GLN A 404 -0.12 -4.85 21.16
N HIS A 405 0.95 -4.10 21.41
CA HIS A 405 1.66 -3.41 20.33
C HIS A 405 2.43 -4.41 19.46
N ARG A 406 3.02 -5.43 20.09
CA ARG A 406 3.75 -6.46 19.35
C ARG A 406 2.83 -7.31 18.48
N ILE A 407 1.64 -7.62 19.01
CA ILE A 407 0.66 -8.40 18.25
C ILE A 407 0.15 -7.61 17.04
N LYS A 408 -0.19 -6.34 17.28
CA LYS A 408 -0.52 -5.40 16.20
C LYS A 408 0.60 -5.33 15.16
N THR A 409 1.84 -5.22 15.61
CA THR A 409 2.96 -5.06 14.72
C THR A 409 3.31 -6.33 13.93
N MET A 410 3.31 -7.48 14.59
CA MET A 410 3.88 -8.69 14.00
C MET A 410 2.81 -9.60 13.38
N VAL A 411 1.58 -9.48 13.87
CA VAL A 411 0.49 -10.31 13.39
C VAL A 411 -0.48 -9.48 12.54
N GLY A 412 -0.76 -8.27 13.00
CA GLY A 412 -1.49 -7.31 12.20
C GLY A 412 -2.90 -7.11 12.69
N VAL A 413 -3.20 -7.61 13.88
CA VAL A 413 -4.53 -7.44 14.47
C VAL A 413 -4.48 -6.64 15.76
N SER A 414 -5.54 -5.88 16.00
CA SER A 414 -5.73 -5.17 17.24
C SER A 414 -6.43 -6.07 18.25
N SER A 415 -6.04 -5.96 19.52
CA SER A 415 -6.49 -6.89 20.56
C SER A 415 -6.50 -6.18 21.91
N GLY A 416 -7.51 -6.46 22.73
CA GLY A 416 -7.44 -6.16 24.16
C GLY A 416 -6.59 -7.17 24.90
N VAL A 417 -5.75 -6.69 25.82
CA VAL A 417 -4.91 -7.57 26.62
C VAL A 417 -5.17 -7.42 28.12
N THR A 418 -5.38 -8.55 28.80
CA THR A 418 -5.49 -8.57 30.26
C THR A 418 -4.41 -9.46 30.88
N VAL A 419 -3.83 -9.01 32.00
CA VAL A 419 -2.73 -9.75 32.64
C VAL A 419 -3.18 -10.29 33.99
N LEU A 420 -3.25 -11.61 34.11
CA LEU A 420 -3.81 -12.24 35.29
C LEU A 420 -2.74 -12.90 36.16
N ALA A 421 -3.06 -13.14 37.43
CA ALA A 421 -2.23 -13.98 38.29
C ALA A 421 -2.18 -15.40 37.77
N ALA A 422 -1.10 -16.11 38.10
CA ALA A 422 -0.97 -17.52 37.69
C ALA A 422 -2.19 -18.33 38.16
N GLY A 423 -2.72 -19.17 37.29
CA GLY A 423 -3.92 -19.96 37.59
C GLY A 423 -5.21 -19.21 37.32
N GLY A 424 -5.09 -17.95 36.90
CA GLY A 424 -6.25 -17.08 36.71
C GLY A 424 -7.18 -17.45 35.56
N ILE A 425 -6.64 -18.13 34.55
CA ILE A 425 -7.45 -18.65 33.44
C ILE A 425 -7.95 -20.05 33.78
N PRO A 426 -9.26 -20.31 33.59
CA PRO A 426 -9.77 -21.63 33.91
C PRO A 426 -9.04 -22.70 33.12
N ALA A 427 -8.64 -23.77 33.80
CA ALA A 427 -7.82 -24.82 33.19
C ALA A 427 -8.43 -26.19 33.47
N THR A 428 -7.97 -27.21 32.74
CA THR A 428 -8.21 -28.58 33.17
C THR A 428 -7.58 -28.74 34.54
N ALA A 429 -7.98 -29.79 35.24
CA ALA A 429 -7.51 -30.02 36.60
C ALA A 429 -5.98 -30.16 36.64
N THR A 430 -5.36 -30.32 35.47
CA THR A 430 -3.90 -30.38 35.40
C THR A 430 -3.30 -29.17 34.64
N GLY A 431 -4.11 -28.15 34.41
CA GLY A 431 -3.58 -26.83 34.04
C GLY A 431 -3.67 -26.45 32.57
N LYS A 432 -4.35 -27.27 31.77
CA LYS A 432 -4.47 -27.04 30.32
C LYS A 432 -5.60 -26.04 30.01
N ALA A 433 -5.29 -25.00 29.24
CA ALA A 433 -6.28 -23.98 28.91
C ALA A 433 -6.82 -24.11 27.48
N ARG A 434 -8.10 -23.83 27.31
CA ARG A 434 -8.69 -23.63 25.98
C ARG A 434 -8.13 -22.35 25.36
N ARG A 435 -7.42 -22.48 24.25
CA ARG A 435 -6.70 -21.34 23.67
C ARG A 435 -7.63 -20.34 22.97
N VAL A 436 -8.76 -20.85 22.45
CA VAL A 436 -9.68 -20.00 21.70
C VAL A 436 -11.11 -20.24 22.16
N ILE A 437 -11.77 -19.18 22.61
CA ILE A 437 -13.22 -19.20 22.80
C ILE A 437 -13.89 -18.22 21.84
N ASP A 438 -14.48 -18.74 20.77
CA ASP A 438 -15.06 -17.89 19.74
C ASP A 438 -16.57 -17.81 19.92
N ARG A 439 -17.02 -16.65 20.44
CA ARG A 439 -18.43 -16.42 20.71
C ARG A 439 -19.07 -15.57 19.62
N ARG A 440 -18.35 -15.34 18.52
CA ARG A 440 -18.82 -14.42 17.48
C ARG A 440 -20.11 -14.90 16.84
N GLN A 441 -20.34 -16.21 16.90
CA GLN A 441 -21.40 -16.88 16.13
C GLN A 441 -21.46 -16.39 14.68
N HIS B 9 18.08 -8.29 -19.76
CA HIS B 9 16.88 -7.52 -19.32
C HIS B 9 16.86 -6.14 -19.98
N PRO B 10 15.70 -5.75 -20.52
CA PRO B 10 15.56 -4.50 -21.29
C PRO B 10 15.68 -3.20 -20.47
N ALA B 11 15.97 -3.31 -19.18
CA ALA B 11 16.14 -2.12 -18.33
C ALA B 11 17.49 -2.04 -17.62
N ALA B 12 18.39 -2.97 -17.94
CA ALA B 12 19.74 -2.95 -17.37
C ALA B 12 20.57 -1.77 -17.91
N ALA B 13 20.37 -1.43 -19.17
CA ALA B 13 21.19 -0.42 -19.85
C ALA B 13 20.56 0.97 -19.78
N LEU B 14 21.40 2.00 -19.87
CA LEU B 14 20.94 3.39 -20.02
C LEU B 14 20.10 3.61 -21.28
N GLU B 15 19.13 4.52 -21.19
CA GLU B 15 18.42 4.99 -22.38
C GLU B 15 19.30 5.97 -23.15
N PRO B 16 19.15 5.99 -24.48
CA PRO B 16 19.94 6.88 -25.32
C PRO B 16 19.90 8.33 -24.84
N ILE B 17 18.72 8.81 -24.47
CA ILE B 17 18.56 10.23 -24.12
C ILE B 17 19.42 10.60 -22.90
N GLU B 18 19.74 9.60 -22.07
CA GLU B 18 20.53 9.85 -20.87
C GLU B 18 21.95 10.35 -21.12
N THR B 19 22.52 10.03 -22.28
CA THR B 19 23.85 10.52 -22.61
C THR B 19 23.84 11.30 -23.94
N ALA B 20 22.67 11.80 -24.32
CA ALA B 20 22.53 12.66 -25.51
C ALA B 20 23.30 13.96 -25.36
N SER B 21 23.58 14.61 -26.49
CA SER B 21 24.12 15.97 -26.47
C SER B 21 23.14 16.97 -25.87
N ARG B 22 23.67 18.07 -25.36
CA ARG B 22 22.86 19.15 -24.82
C ARG B 22 21.95 19.79 -25.89
N ASP B 23 22.47 19.91 -27.11
CA ASP B 23 21.66 20.37 -28.26
C ASP B 23 20.47 19.45 -28.54
N GLU B 24 20.74 18.14 -28.63
CA GLU B 24 19.67 17.18 -28.86
C GLU B 24 18.64 17.17 -27.73
N LEU B 25 19.09 17.22 -26.48
CA LEU B 25 18.16 17.30 -25.35
C LEU B 25 17.26 18.54 -25.44
N GLN B 26 17.85 19.69 -25.74
CA GLN B 26 17.07 20.94 -25.79
C GLN B 26 16.09 20.97 -26.95
N ALA B 27 16.44 20.30 -28.04
CA ALA B 27 15.52 20.18 -29.17
C ALA B 27 14.33 19.28 -28.85
N LEU B 28 14.57 18.21 -28.09
CA LEU B 28 13.47 17.36 -27.63
C LEU B 28 12.58 18.12 -26.66
N GLN B 29 13.20 18.86 -25.74
CA GLN B 29 12.45 19.64 -24.77
C GLN B 29 11.54 20.65 -25.46
N LEU B 30 12.09 21.34 -26.45
CA LEU B 30 11.32 22.37 -27.10
C LEU B 30 10.09 21.76 -27.77
N GLU B 31 10.28 20.64 -28.46
CA GLU B 31 9.15 20.01 -29.14
C GLU B 31 8.10 19.51 -28.15
N ARG B 32 8.55 18.88 -27.07
CA ARG B 32 7.63 18.38 -26.05
C ARG B 32 6.94 19.51 -25.29
N LEU B 33 7.65 20.61 -25.10
CA LEU B 33 7.09 21.78 -24.43
C LEU B 33 5.96 22.40 -25.27
N LYS B 34 6.19 22.54 -26.57
CA LYS B 34 5.16 23.03 -27.48
C LYS B 34 3.90 22.18 -27.39
N TRP B 35 4.07 20.87 -27.35
CA TRP B 35 2.96 19.94 -27.25
C TRP B 35 2.26 20.10 -25.92
N SER B 36 3.03 20.12 -24.84
CA SER B 36 2.43 20.19 -23.49
C SER B 36 1.62 21.46 -23.26
N LEU B 37 2.16 22.61 -23.63
CA LEU B 37 1.48 23.88 -23.48
C LEU B 37 0.15 23.86 -24.24
N ARG B 38 0.16 23.28 -25.44
CA ARG B 38 -1.05 23.27 -26.28
C ARG B 38 -2.06 22.26 -25.75
N HIS B 39 -1.58 21.11 -25.31
CA HIS B 39 -2.44 20.10 -24.66
C HIS B 39 -3.16 20.72 -23.47
N ALA B 40 -2.43 21.48 -22.67
CA ALA B 40 -3.00 22.11 -21.47
C ALA B 40 -4.05 23.16 -21.84
N TYR B 41 -3.66 24.06 -22.73
CA TYR B 41 -4.52 25.13 -23.21
C TYR B 41 -5.78 24.61 -23.88
N ASP B 42 -5.65 23.59 -24.73
CA ASP B 42 -6.78 23.08 -25.48
C ASP B 42 -7.78 22.34 -24.59
N ASN B 43 -7.31 21.75 -23.50
CA ASN B 43 -8.09 20.70 -22.82
C ASN B 43 -8.42 20.96 -21.35
N VAL B 44 -7.82 21.99 -20.78
CA VAL B 44 -8.04 22.31 -19.37
C VAL B 44 -8.56 23.75 -19.27
N PRO B 45 -9.85 23.90 -18.93
CA PRO B 45 -10.43 25.24 -18.87
C PRO B 45 -9.62 26.21 -18.02
N HIS B 46 -9.12 25.75 -16.88
CA HIS B 46 -8.28 26.58 -16.02
C HIS B 46 -7.15 27.22 -16.83
N TYR B 47 -6.42 26.42 -17.61
CA TYR B 47 -5.25 26.91 -18.32
C TYR B 47 -5.64 27.79 -19.50
N ARG B 48 -6.70 27.42 -20.19
CA ARG B 48 -7.29 28.32 -21.18
C ARG B 48 -7.45 29.70 -20.56
N ARG B 49 -8.05 29.74 -19.37
CA ARG B 49 -8.29 31.01 -18.70
C ARG B 49 -7.03 31.78 -18.28
N THR B 50 -6.09 31.10 -17.62
CA THR B 50 -4.91 31.79 -17.13
C THR B 50 -3.99 32.24 -18.26
N PHE B 51 -3.86 31.43 -19.30
CA PHE B 51 -3.07 31.84 -20.46
C PHE B 51 -3.71 33.08 -21.08
N ASP B 52 -5.01 32.98 -21.38
CA ASP B 52 -5.72 34.09 -21.99
C ASP B 52 -5.52 35.35 -21.15
N ALA B 53 -5.73 35.24 -19.84
CA ALA B 53 -5.65 36.40 -18.95
C ALA B 53 -4.24 36.98 -18.86
N ALA B 54 -3.24 36.14 -19.14
CA ALA B 54 -1.85 36.59 -19.15
C ALA B 54 -1.43 37.14 -20.50
N GLY B 55 -2.34 37.06 -21.47
CA GLY B 55 -2.08 37.56 -22.82
C GLY B 55 -1.17 36.66 -23.63
N VAL B 56 -1.15 35.38 -23.33
CA VAL B 56 -0.24 34.45 -24.01
C VAL B 56 -0.93 33.23 -24.60
N HIS B 57 -0.29 32.63 -25.60
CA HIS B 57 -0.88 31.52 -26.34
C HIS B 57 0.23 30.52 -26.65
N PRO B 58 -0.09 29.22 -26.65
CA PRO B 58 0.94 28.20 -26.92
C PRO B 58 1.81 28.51 -28.16
N ASP B 59 1.22 29.14 -29.19
CA ASP B 59 1.98 29.54 -30.39
C ASP B 59 3.14 30.48 -30.05
N ASP B 60 2.99 31.23 -28.95
CA ASP B 60 3.97 32.21 -28.52
C ASP B 60 5.30 31.58 -28.11
N LEU B 61 5.31 30.25 -27.95
CA LEU B 61 6.51 29.58 -27.51
C LEU B 61 7.32 29.10 -28.71
N LYS B 62 8.38 29.82 -29.04
CA LYS B 62 9.21 29.50 -30.19
C LYS B 62 10.62 29.07 -29.78
N SER B 63 11.03 29.44 -28.56
CA SER B 63 12.26 28.92 -27.94
C SER B 63 12.01 28.59 -26.47
N LEU B 64 12.94 27.84 -25.87
CA LEU B 64 12.79 27.46 -24.46
C LEU B 64 12.67 28.68 -23.53
N ALA B 65 13.41 29.75 -23.83
CA ALA B 65 13.33 30.97 -23.02
C ALA B 65 11.93 31.59 -22.93
N ASP B 66 11.08 31.32 -23.93
CA ASP B 66 9.74 31.90 -23.98
C ASP B 66 8.83 31.38 -22.86
N LEU B 67 9.27 30.32 -22.20
CA LEU B 67 8.46 29.75 -21.11
C LEU B 67 8.16 30.81 -20.05
N ALA B 68 9.07 31.76 -19.88
CA ALA B 68 8.89 32.80 -18.85
C ALA B 68 7.72 33.73 -19.15
N LYS B 69 7.17 33.63 -20.35
CA LYS B 69 5.96 34.39 -20.68
C LYS B 69 4.70 33.82 -20.03
N PHE B 70 4.75 32.57 -19.62
CA PHE B 70 3.52 31.88 -19.21
C PHE B 70 3.29 32.02 -17.69
N PRO B 71 2.02 32.02 -17.26
CA PRO B 71 1.77 32.19 -15.83
C PRO B 71 2.24 30.97 -15.03
N PHE B 72 2.48 31.18 -13.75
CA PHE B 72 2.74 30.09 -12.80
C PHE B 72 1.44 29.39 -12.39
N SER B 73 1.53 28.10 -12.08
CA SER B 73 0.51 27.44 -11.29
C SER B 73 1.05 27.05 -9.92
N THR B 74 0.13 26.75 -9.00
CA THR B 74 0.47 26.52 -7.61
C THR B 74 -0.51 25.52 -7.01
N LYS B 75 -0.30 25.19 -5.74
CA LYS B 75 -1.22 24.32 -5.03
C LYS B 75 -2.64 24.85 -5.02
N ASN B 76 -2.77 26.17 -4.99
CA ASN B 76 -4.08 26.84 -5.00
C ASN B 76 -4.94 26.48 -6.20
N ASP B 77 -4.32 26.39 -7.36
CA ASP B 77 -5.06 26.03 -8.56
C ASP B 77 -5.68 24.63 -8.47
N LEU B 78 -4.97 23.72 -7.78
CA LEU B 78 -5.49 22.37 -7.53
C LEU B 78 -6.62 22.43 -6.52
N ARG B 79 -6.43 23.25 -5.49
CA ARG B 79 -7.44 23.47 -4.47
C ARG B 79 -8.72 23.99 -5.11
N ASP B 80 -8.60 24.91 -6.06
CA ASP B 80 -9.75 25.61 -6.61
C ASP B 80 -10.48 24.75 -7.64
N ASN B 81 -9.85 23.65 -8.05
CA ASN B 81 -10.39 22.82 -9.12
C ASN B 81 -10.61 21.36 -8.70
N TYR B 82 -10.86 21.18 -7.42
CA TYR B 82 -10.93 19.86 -6.79
C TYR B 82 -12.29 19.20 -7.09
N PRO B 83 -12.32 17.87 -7.31
CA PRO B 83 -11.21 16.91 -7.21
C PRO B 83 -10.42 16.75 -8.52
N PHE B 84 -11.11 16.88 -9.66
CA PHE B 84 -10.57 16.43 -10.96
C PHE B 84 -10.62 17.51 -12.04
N GLY B 85 -10.68 18.77 -11.62
CA GLY B 85 -10.94 19.88 -12.55
C GLY B 85 -9.78 20.26 -13.46
N LEU B 86 -8.59 19.74 -13.16
CA LEU B 86 -7.42 20.04 -13.99
C LEU B 86 -7.05 18.88 -14.93
N PHE B 87 -7.96 17.90 -15.03
CA PHE B 87 -7.76 16.80 -15.96
C PHE B 87 -7.84 17.33 -17.39
N ALA B 88 -6.98 16.82 -18.26
CA ALA B 88 -6.97 17.21 -19.66
C ALA B 88 -7.53 16.10 -20.54
N VAL B 89 -8.01 15.04 -19.89
CA VAL B 89 -8.67 13.92 -20.56
C VAL B 89 -9.90 13.54 -19.74
N PRO B 90 -10.86 12.84 -20.36
CA PRO B 90 -12.03 12.41 -19.61
C PRO B 90 -11.60 11.53 -18.45
N ARG B 91 -12.33 11.57 -17.34
CA ARG B 91 -12.01 10.73 -16.19
C ARG B 91 -11.96 9.24 -16.54
N GLU B 92 -12.72 8.84 -17.56
CA GLU B 92 -12.75 7.44 -18.00
C GLU B 92 -11.46 6.98 -18.69
N GLN B 93 -10.56 7.92 -18.97
CA GLN B 93 -9.22 7.58 -19.47
C GLN B 93 -8.15 7.67 -18.39
N VAL B 94 -8.55 7.98 -17.16
CA VAL B 94 -7.61 8.08 -16.05
C VAL B 94 -7.64 6.77 -15.28
N VAL B 95 -6.47 6.13 -15.10
CA VAL B 95 -6.42 4.84 -14.42
C VAL B 95 -5.95 4.90 -12.97
N ARG B 96 -5.49 6.07 -12.54
CA ARG B 96 -4.91 6.21 -11.20
C ARG B 96 -5.18 7.62 -10.66
N VAL B 97 -5.58 7.70 -9.39
CA VAL B 97 -5.42 8.96 -8.65
C VAL B 97 -4.54 8.75 -7.41
N HIS B 98 -3.81 9.80 -7.03
CA HIS B 98 -3.04 9.83 -5.77
C HIS B 98 -3.39 11.12 -5.05
N ALA B 99 -3.23 11.12 -3.74
CA ALA B 99 -3.69 12.23 -2.88
C ALA B 99 -2.69 12.49 -1.75
N SER B 100 -2.46 13.77 -1.46
CA SER B 100 -1.55 14.18 -0.41
C SER B 100 -2.08 15.48 0.21
N SER B 101 -1.40 15.99 1.23
CA SER B 101 -1.97 17.09 2.00
C SER B 101 -2.19 18.32 1.12
N GLY B 102 -3.35 18.94 1.26
CA GLY B 102 -3.52 20.31 0.79
C GLY B 102 -3.55 21.28 1.96
N THR B 103 -3.77 22.56 1.64
CA THR B 103 -3.86 23.59 2.66
C THR B 103 -5.22 23.59 3.34
N THR B 104 -6.17 22.89 2.73
CA THR B 104 -7.53 22.76 3.25
C THR B 104 -7.74 21.30 3.67
N GLY B 105 -8.97 20.96 4.06
CA GLY B 105 -9.32 19.56 4.36
C GLY B 105 -9.47 18.69 3.11
N LYS B 106 -9.52 19.33 1.94
CA LYS B 106 -9.50 18.60 0.67
C LYS B 106 -8.06 18.29 0.28
N PRO B 107 -7.77 17.02 -0.02
CA PRO B 107 -6.39 16.71 -0.39
C PRO B 107 -6.06 17.25 -1.77
N THR B 108 -4.77 17.45 -2.01
CA THR B 108 -4.22 17.65 -3.34
C THR B 108 -4.29 16.37 -4.15
N VAL B 109 -5.00 16.41 -5.27
CA VAL B 109 -5.32 15.20 -6.01
C VAL B 109 -4.74 15.27 -7.43
N VAL B 110 -4.13 14.17 -7.86
CA VAL B 110 -3.47 14.11 -9.16
C VAL B 110 -3.89 12.83 -9.86
N GLY B 111 -3.94 12.87 -11.20
CA GLY B 111 -4.40 11.73 -11.97
C GLY B 111 -3.43 11.33 -13.06
N TYR B 112 -3.56 10.11 -13.57
CA TYR B 112 -2.61 9.56 -14.52
C TYR B 112 -3.39 8.70 -15.52
N THR B 113 -3.06 8.82 -16.80
CA THR B 113 -3.50 7.85 -17.81
C THR B 113 -2.64 6.59 -17.72
N ALA B 114 -3.06 5.52 -18.40
CA ALA B 114 -2.20 4.34 -18.50
C ALA B 114 -0.80 4.70 -19.01
N ARG B 115 -0.71 5.59 -20.01
CA ARG B 115 0.60 6.02 -20.53
C ARG B 115 1.41 6.73 -19.45
N ASP B 116 0.74 7.58 -18.69
CA ASP B 116 1.41 8.29 -17.61
C ASP B 116 2.04 7.32 -16.61
N ILE B 117 1.27 6.33 -16.19
CA ILE B 117 1.83 5.29 -15.32
C ILE B 117 3.09 4.67 -15.92
N ASP B 118 3.04 4.35 -17.20
CA ASP B 118 4.19 3.77 -17.87
C ASP B 118 5.40 4.72 -17.87
N THR B 119 5.13 6.00 -18.08
CA THR B 119 6.19 7.03 -18.09
C THR B 119 6.81 7.16 -16.72
N TRP B 120 5.96 7.13 -15.70
CA TRP B 120 6.41 7.25 -14.33
C TRP B 120 7.26 6.03 -13.94
N ALA B 121 6.81 4.83 -14.33
CA ALA B 121 7.60 3.63 -14.05
C ALA B 121 8.97 3.71 -14.72
N ASN B 122 8.98 4.18 -15.96
CA ASN B 122 10.22 4.29 -16.72
CA ASN B 122 10.22 4.28 -16.72
C ASN B 122 11.23 5.24 -16.07
N VAL B 123 10.79 6.41 -15.64
CA VAL B 123 11.74 7.34 -14.97
C VAL B 123 12.15 6.89 -13.58
N THR B 124 11.29 6.13 -12.90
CA THR B 124 11.64 5.60 -11.61
C THR B 124 12.60 4.40 -11.71
N ALA B 125 12.41 3.57 -12.73
CA ALA B 125 13.39 2.54 -13.05
C ALA B 125 14.74 3.18 -13.38
N ARG B 126 14.69 4.24 -14.17
CA ARG B 126 15.91 4.95 -14.57
C ARG B 126 16.60 5.48 -13.33
N SER B 127 15.81 6.04 -12.41
CA SER B 127 16.37 6.55 -11.16
C SER B 127 17.10 5.47 -10.36
N ILE B 128 16.42 4.37 -10.11
CA ILE B 128 16.99 3.31 -9.30
C ILE B 128 18.24 2.73 -9.95
N ARG B 129 18.19 2.57 -11.27
CA ARG B 129 19.38 2.26 -12.06
C ARG B 129 20.53 3.27 -11.89
N ALA B 130 20.22 4.56 -11.98
CA ALA B 130 21.23 5.59 -11.72
C ALA B 130 21.91 5.42 -10.36
N ALA B 131 21.13 5.06 -9.34
CA ALA B 131 21.65 4.89 -7.97
C ALA B 131 22.41 3.58 -7.79
N GLY B 132 22.46 2.76 -8.84
CA GLY B 132 23.27 1.54 -8.80
C GLY B 132 22.47 0.24 -8.77
N GLY B 133 21.14 0.36 -8.80
CA GLY B 133 20.27 -0.83 -8.74
C GLY B 133 20.29 -1.58 -10.07
N ARG B 134 20.10 -2.88 -10.03
CA ARG B 134 20.13 -3.69 -11.25
C ARG B 134 18.98 -4.70 -11.28
N PRO B 135 18.56 -5.12 -12.48
CA PRO B 135 17.67 -6.28 -12.60
C PRO B 135 18.18 -7.45 -11.77
N GLY B 136 17.29 -8.09 -11.02
CA GLY B 136 17.67 -9.21 -10.17
C GLY B 136 18.00 -8.86 -8.73
N ASP B 137 18.24 -7.57 -8.44
CA ASP B 137 18.47 -7.14 -7.06
C ASP B 137 17.18 -7.23 -6.23
N THR B 138 17.31 -7.65 -4.98
CA THR B 138 16.20 -7.58 -4.04
C THR B 138 16.10 -6.21 -3.41
N LEU B 139 14.92 -5.60 -3.55
CA LEU B 139 14.69 -4.21 -3.14
C LEU B 139 13.60 -4.12 -2.05
N HIS B 140 13.93 -3.48 -0.94
CA HIS B 140 13.02 -3.36 0.19
C HIS B 140 12.35 -1.98 0.13
N ASN B 141 11.08 -1.95 -0.26
CA ASN B 141 10.38 -0.69 -0.46
C ASN B 141 9.58 -0.29 0.78
N ALA B 142 10.11 0.64 1.54
CA ALA B 142 9.50 1.04 2.80
C ALA B 142 8.85 2.43 2.74
N PHE B 143 8.65 2.95 1.53
CA PHE B 143 7.77 4.12 1.35
C PHE B 143 6.30 3.72 1.42
N GLY B 144 5.45 4.63 1.90
CA GLY B 144 4.04 4.29 2.14
C GLY B 144 3.28 3.89 0.87
N TYR B 145 2.62 2.74 0.91
CA TYR B 145 1.75 2.29 -0.18
C TYR B 145 0.31 2.77 0.07
N GLY B 146 -0.28 3.40 -0.94
CA GLY B 146 -1.65 3.91 -0.82
C GLY B 146 -1.83 5.20 -1.59
N LEU B 147 -2.45 6.19 -0.95
CA LEU B 147 -2.73 7.46 -1.64
C LEU B 147 -1.45 8.27 -1.86
N PHE B 148 -0.46 8.07 -1.00
CA PHE B 148 0.87 8.68 -1.16
C PHE B 148 1.46 8.23 -2.49
N THR B 149 2.21 9.09 -3.18
CA THR B 149 2.85 8.69 -4.45
C THR B 149 4.09 7.83 -4.23
N GLY B 150 4.66 7.91 -3.03
CA GLY B 150 5.95 7.27 -2.72
C GLY B 150 5.95 5.75 -2.94
N GLY B 151 5.14 5.05 -2.16
CA GLY B 151 5.15 3.59 -2.19
C GLY B 151 4.95 3.05 -3.59
N LEU B 152 3.83 3.42 -4.23
CA LEU B 152 3.42 2.83 -5.49
C LEU B 152 4.30 3.30 -6.65
N GLY B 153 4.85 4.50 -6.54
CA GLY B 153 5.74 5.00 -7.59
C GLY B 153 7.02 4.20 -7.61
N ILE B 154 7.62 4.03 -6.43
CA ILE B 154 8.83 3.22 -6.28
C ILE B 154 8.55 1.77 -6.66
N HIS B 155 7.37 1.27 -6.27
CA HIS B 155 6.95 -0.09 -6.61
C HIS B 155 7.08 -0.38 -8.10
N TYR B 156 6.42 0.43 -8.92
CA TYR B 156 6.36 0.20 -10.37
C TYR B 156 7.72 0.37 -11.04
N GLY B 157 8.48 1.35 -10.56
CA GLY B 157 9.87 1.56 -11.01
C GLY B 157 10.76 0.35 -10.75
N ALA B 158 10.71 -0.18 -9.54
CA ALA B 158 11.58 -1.30 -9.16
C ALA B 158 11.14 -2.56 -9.89
N GLU B 159 9.83 -2.73 -10.06
CA GLU B 159 9.32 -3.87 -10.81
C GLU B 159 9.75 -3.79 -12.27
N ARG B 160 9.60 -2.59 -12.85
CA ARG B 160 10.00 -2.34 -14.25
C ARG B 160 11.48 -2.67 -14.45
N LEU B 161 12.32 -2.33 -13.48
CA LEU B 161 13.76 -2.61 -13.57
C LEU B 161 14.07 -4.10 -13.34
N GLY B 162 13.08 -4.87 -12.90
CA GLY B 162 13.26 -6.30 -12.68
C GLY B 162 13.89 -6.63 -11.32
N CYS B 163 13.76 -5.72 -10.37
CA CYS B 163 14.06 -6.03 -8.97
C CYS B 163 13.06 -7.02 -8.39
N MET B 164 13.49 -7.81 -7.42
CA MET B 164 12.56 -8.53 -6.56
C MET B 164 12.07 -7.57 -5.51
N VAL B 165 10.85 -7.06 -5.69
CA VAL B 165 10.29 -6.04 -4.82
C VAL B 165 9.65 -6.68 -3.60
N VAL B 166 10.05 -6.19 -2.43
CA VAL B 166 9.38 -6.47 -1.17
C VAL B 166 8.50 -5.28 -0.81
N PRO B 167 7.17 -5.47 -0.89
CA PRO B 167 6.24 -4.35 -0.77
C PRO B 167 5.93 -4.02 0.70
N MET B 168 6.97 -3.63 1.42
CA MET B 168 6.90 -3.54 2.88
C MET B 168 5.99 -2.40 3.36
N SER B 169 6.01 -1.29 2.63
CA SER B 169 5.36 -0.07 3.08
C SER B 169 5.98 0.44 4.38
N GLY B 170 5.33 1.40 5.02
CA GLY B 170 6.04 2.35 5.85
C GLY B 170 6.09 2.12 7.36
N GLY B 171 5.48 1.06 7.86
CA GLY B 171 5.39 0.90 9.31
C GLY B 171 6.01 -0.37 9.86
N GLN B 172 5.57 -0.76 11.06
CA GLN B 172 5.90 -2.07 11.62
C GLN B 172 7.41 -2.31 11.78
N THR B 173 8.01 -1.52 12.66
CA THR B 173 9.47 -1.37 12.72
C THR B 173 10.20 -2.68 12.98
N GLU B 174 9.66 -3.51 13.88
CA GLU B 174 10.28 -4.81 14.18
C GLU B 174 10.24 -5.68 12.93
N LYS B 175 9.13 -5.63 12.20
CA LYS B 175 8.98 -6.50 11.04
C LYS B 175 9.84 -6.06 9.88
N GLN B 176 9.98 -4.75 9.70
CA GLN B 176 10.96 -4.20 8.76
C GLN B 176 12.34 -4.87 8.93
N VAL B 177 12.85 -4.86 10.14
CA VAL B 177 14.16 -5.42 10.41
C VAL B 177 14.20 -6.96 10.30
N GLN B 178 13.11 -7.60 10.70
CA GLN B 178 13.00 -9.05 10.52
C GLN B 178 13.17 -9.41 9.05
N LEU B 179 12.47 -8.68 8.18
CA LEU B 179 12.47 -8.99 6.74
C LEU B 179 13.73 -8.51 6.00
N ILE B 180 14.34 -7.43 6.48
CA ILE B 180 15.68 -7.09 6.00
C ILE B 180 16.69 -8.19 6.33
N ARG B 181 16.61 -8.71 7.55
CA ARG B 181 17.44 -9.86 7.93
C ARG B 181 17.14 -11.10 7.10
N ASP B 182 15.86 -11.41 6.88
CA ASP B 182 15.49 -12.71 6.32
C ASP B 182 15.52 -12.74 4.80
N PHE B 183 15.11 -11.64 4.17
CA PHE B 183 14.97 -11.59 2.71
C PHE B 183 16.26 -11.07 2.05
N GLU B 184 17.11 -10.43 2.84
CA GLU B 184 18.43 -9.96 2.35
C GLU B 184 18.35 -9.04 1.15
N PRO B 185 17.61 -7.93 1.29
CA PRO B 185 17.63 -6.92 0.24
C PRO B 185 19.02 -6.33 0.01
N LYS B 186 19.33 -5.96 -1.24
CA LYS B 186 20.52 -5.18 -1.56
C LYS B 186 20.22 -3.68 -1.52
N ILE B 187 18.96 -3.34 -1.80
CA ILE B 187 18.54 -1.93 -1.91
C ILE B 187 17.42 -1.65 -0.90
N ILE B 188 17.51 -0.52 -0.20
CA ILE B 188 16.36 -0.05 0.58
C ILE B 188 15.88 1.30 0.09
N LEU B 189 14.56 1.42 -0.07
CA LEU B 189 13.93 2.70 -0.37
C LEU B 189 13.06 3.15 0.80
N VAL B 190 13.38 4.31 1.35
CA VAL B 190 12.77 4.68 2.63
C VAL B 190 13.04 6.15 2.89
N THR B 191 12.28 6.78 3.77
CA THR B 191 12.61 8.14 4.14
C THR B 191 13.93 8.12 4.93
N PRO B 192 14.67 9.24 4.93
CA PRO B 192 15.91 9.26 5.71
C PRO B 192 15.64 9.22 7.22
N SER B 193 14.57 9.87 7.66
CA SER B 193 14.20 9.82 9.06
C SER B 193 13.88 8.40 9.53
N TYR B 194 13.11 7.66 8.72
CA TYR B 194 12.75 6.31 9.11
C TYR B 194 13.93 5.33 9.03
N MET B 195 14.87 5.59 8.12
CA MET B 195 16.10 4.80 8.09
C MET B 195 16.80 4.83 9.45
N LEU B 196 16.82 5.98 10.10
CA LEU B 196 17.42 6.08 11.43
C LEU B 196 16.67 5.21 12.44
N ASN B 197 15.33 5.28 12.42
CA ASN B 197 14.52 4.38 13.25
C ASN B 197 14.90 2.93 13.03
N LEU B 198 15.07 2.55 11.76
CA LEU B 198 15.36 1.17 11.46
C LEU B 198 16.72 0.75 12.03
N ILE B 199 17.68 1.66 12.01
CA ILE B 199 19.02 1.35 12.51
C ILE B 199 18.97 1.14 14.02
N ASP B 200 18.15 1.95 14.70
CA ASP B 200 17.96 1.80 16.13
C ASP B 200 17.41 0.42 16.42
N GLU B 201 16.45 -0.02 15.60
CA GLU B 201 15.75 -1.26 15.83
C GLU B 201 16.71 -2.44 15.62
N MET B 202 17.60 -2.33 14.64
CA MET B 202 18.66 -3.33 14.47
C MET B 202 19.46 -3.51 15.75
N VAL B 203 19.95 -2.41 16.30
CA VAL B 203 20.67 -2.44 17.58
C VAL B 203 19.86 -3.16 18.67
N ARG B 204 18.59 -2.79 18.81
CA ARG B 204 17.75 -3.37 19.87
C ARG B 204 17.52 -4.85 19.65
N GLN B 205 17.63 -5.31 18.39
CA GLN B 205 17.50 -6.73 18.07
C GLN B 205 18.84 -7.47 18.18
N GLY B 206 19.89 -6.75 18.59
CA GLY B 206 21.22 -7.34 18.68
C GLY B 206 21.91 -7.54 17.33
N MET B 207 21.38 -6.89 16.31
CA MET B 207 22.01 -6.90 14.98
C MET B 207 22.89 -5.66 14.79
N ASP B 208 24.19 -5.86 14.59
CA ASP B 208 25.03 -4.75 14.15
C ASP B 208 24.59 -4.23 12.78
N PRO B 209 24.35 -2.92 12.68
CA PRO B 209 23.77 -2.38 11.46
C PRO B 209 24.60 -2.70 10.21
N ALA B 210 25.90 -2.95 10.37
CA ALA B 210 26.79 -3.21 9.23
C ALA B 210 26.79 -4.67 8.77
N GLU B 211 26.07 -5.53 9.49
CA GLU B 211 25.93 -6.92 9.10
C GLU B 211 24.60 -7.16 8.37
N SER B 212 24.13 -6.19 7.61
CA SER B 212 23.01 -6.43 6.69
C SER B 212 23.49 -6.69 5.28
N SER B 213 22.59 -7.21 4.45
CA SER B 213 22.85 -7.42 3.03
C SER B 213 22.81 -6.11 2.24
N LEU B 214 22.33 -5.03 2.87
CA LEU B 214 22.10 -3.79 2.14
C LEU B 214 23.40 -3.24 1.57
N LYS B 215 23.37 -2.81 0.31
CA LYS B 215 24.51 -2.10 -0.30
C LYS B 215 24.13 -0.69 -0.80
N ILE B 216 22.83 -0.44 -0.95
CA ILE B 216 22.36 0.82 -1.54
C ILE B 216 21.11 1.31 -0.80
N GLY B 217 21.16 2.57 -0.37
CA GLY B 217 19.99 3.21 0.19
C GLY B 217 19.60 4.40 -0.67
N ILE B 218 18.34 4.43 -1.05
CA ILE B 218 17.81 5.55 -1.82
C ILE B 218 16.73 6.26 -1.02
N PHE B 219 17.07 7.44 -0.55
CA PHE B 219 16.28 8.15 0.44
C PHE B 219 15.62 9.37 -0.18
N GLY B 220 14.38 9.67 0.25
CA GLY B 220 13.75 10.93 -0.13
C GLY B 220 12.43 11.21 0.58
N ALA B 221 11.61 12.05 -0.05
CA ALA B 221 10.33 12.55 0.49
C ALA B 221 10.49 13.71 1.45
N GLU B 222 11.73 14.04 1.77
CA GLU B 222 12.03 15.08 2.74
C GLU B 222 13.54 15.35 2.68
N PRO B 223 13.97 16.54 3.14
CA PRO B 223 15.38 16.94 3.13
C PRO B 223 16.21 16.11 4.11
N TRP B 224 17.45 15.81 3.75
CA TRP B 224 18.41 15.21 4.68
C TRP B 224 19.81 15.77 4.49
N THR B 225 20.60 15.74 5.56
CA THR B 225 21.95 16.33 5.56
C THR B 225 23.06 15.40 5.07
N GLN B 226 24.20 16.01 4.77
CA GLN B 226 25.48 15.31 4.68
C GLN B 226 25.75 14.49 5.94
N ALA B 227 25.50 15.08 7.10
CA ALA B 227 25.81 14.38 8.35
C ALA B 227 24.99 13.10 8.48
N LEU B 228 23.72 13.16 8.10
CA LEU B 228 22.88 11.95 8.13
C LEU B 228 23.40 10.92 7.12
N ARG B 229 23.83 11.40 5.96
CA ARG B 229 24.38 10.51 4.95
C ARG B 229 25.63 9.78 5.46
N ASN B 230 26.55 10.54 6.05
CA ASN B 230 27.80 9.96 6.56
C ASN B 230 27.48 8.90 7.61
N GLU B 231 26.54 9.20 8.49
CA GLU B 231 26.17 8.29 9.57
C GLU B 231 25.59 6.99 9.04
N VAL B 232 24.68 7.12 8.08
CA VAL B 232 24.03 5.94 7.52
C VAL B 232 25.04 5.13 6.70
N GLU B 233 25.82 5.81 5.89
CA GLU B 233 26.77 5.12 5.03
C GLU B 233 27.81 4.36 5.89
N THR B 234 28.25 5.01 6.96
CA THR B 234 29.27 4.43 7.86
C THR B 234 28.68 3.26 8.64
N ARG B 235 27.51 3.47 9.22
CA ARG B 235 26.96 2.51 10.17
C ARG B 235 26.39 1.29 9.46
N VAL B 236 25.84 1.51 8.27
CA VAL B 236 25.20 0.44 7.53
C VAL B 236 26.07 -0.17 6.43
N GLY B 237 27.13 0.53 6.04
CA GLY B 237 27.99 0.04 4.96
C GLY B 237 27.34 0.10 3.58
N ILE B 238 26.72 1.23 3.26
CA ILE B 238 26.07 1.39 1.97
C ILE B 238 26.51 2.67 1.28
N ASP B 239 26.17 2.78 0.00
CA ASP B 239 26.02 4.08 -0.65
C ASP B 239 24.60 4.59 -0.49
N ALA B 240 24.46 5.82 -0.04
CA ALA B 240 23.16 6.48 0.11
C ALA B 240 22.98 7.49 -1.01
N LEU B 241 21.86 7.40 -1.71
CA LEU B 241 21.58 8.27 -2.85
C LEU B 241 20.25 9.00 -2.67
N ASP B 242 20.16 10.19 -3.24
CA ASP B 242 19.03 11.09 -3.01
C ASP B 242 18.02 11.00 -4.17
N ILE B 243 16.78 10.66 -3.87
CA ILE B 243 15.73 10.66 -4.88
C ILE B 243 14.64 11.69 -4.54
N TYR B 244 14.29 12.52 -5.50
CA TYR B 244 13.42 13.68 -5.25
C TYR B 244 12.14 13.54 -6.08
N GLY B 245 11.08 14.21 -5.64
CA GLY B 245 9.91 14.43 -6.49
C GLY B 245 8.77 15.01 -5.68
N LEU B 246 7.65 15.29 -6.35
CA LEU B 246 6.45 15.78 -5.68
C LEU B 246 5.24 15.31 -6.49
N SER B 247 4.13 15.05 -5.81
CA SER B 247 2.99 14.39 -6.43
CA SER B 247 2.99 14.39 -6.43
C SER B 247 2.43 15.15 -7.64
N GLU B 248 2.43 16.48 -7.57
CA GLU B 248 1.85 17.28 -8.66
C GLU B 248 2.60 17.07 -9.96
N VAL B 249 3.91 16.89 -9.86
CA VAL B 249 4.72 16.68 -11.04
C VAL B 249 4.70 15.25 -11.55
N MET B 250 4.84 14.28 -10.64
CA MET B 250 4.55 12.88 -10.96
C MET B 250 4.57 12.05 -9.67
N GLY B 251 5.64 12.20 -8.92
CA GLY B 251 5.86 11.41 -7.71
C GLY B 251 7.34 11.48 -7.40
N PRO B 252 7.84 10.48 -6.65
CA PRO B 252 9.26 10.17 -6.69
C PRO B 252 9.72 9.81 -8.11
N GLY B 253 10.95 10.17 -8.46
CA GLY B 253 11.51 9.83 -9.78
C GLY B 253 11.49 11.01 -10.73
N VAL B 254 11.25 12.20 -10.19
CA VAL B 254 11.49 13.42 -10.96
C VAL B 254 12.98 13.67 -11.12
N ALA B 255 13.75 13.36 -10.08
CA ALA B 255 15.19 13.55 -10.09
C ALA B 255 15.82 12.51 -9.19
N CYS B 256 16.97 11.97 -9.58
CA CYS B 256 17.66 11.02 -8.71
C CYS B 256 19.17 11.07 -8.89
N GLU B 257 19.88 10.83 -7.79
CA GLU B 257 21.34 10.97 -7.75
C GLU B 257 22.01 9.77 -8.41
N CYS B 258 23.17 9.99 -9.03
CA CYS B 258 23.93 8.92 -9.68
C CYS B 258 25.04 8.45 -8.75
N VAL B 259 25.14 7.15 -8.53
CA VAL B 259 26.15 6.62 -7.61
C VAL B 259 27.57 6.77 -8.15
N GLU B 260 27.69 6.97 -9.46
CA GLU B 260 28.97 7.27 -10.11
C GLU B 260 29.66 8.53 -9.57
N THR B 261 28.88 9.54 -9.23
CA THR B 261 29.42 10.85 -8.87
C THR B 261 28.93 11.33 -7.52
N LYS B 262 27.77 10.85 -7.09
CA LYS B 262 27.18 11.27 -5.84
C LYS B 262 27.29 12.77 -5.65
N ASP B 263 26.75 13.51 -6.62
CA ASP B 263 26.79 14.96 -6.60
C ASP B 263 25.39 15.51 -6.83
N GLY B 264 24.40 14.87 -6.20
CA GLY B 264 23.06 15.44 -6.12
C GLY B 264 22.13 14.88 -7.19
N PRO B 265 20.81 15.05 -6.97
CA PRO B 265 19.84 14.43 -7.88
C PRO B 265 19.95 15.00 -9.29
N VAL B 266 20.01 14.10 -10.27
CA VAL B 266 19.89 14.48 -11.68
C VAL B 266 18.42 14.61 -12.07
N ILE B 267 18.05 15.77 -12.57
CA ILE B 267 16.67 16.00 -13.01
C ILE B 267 16.39 15.31 -14.35
N TRP B 268 15.35 14.49 -14.39
CA TRP B 268 15.05 13.84 -15.65
C TRP B 268 14.30 14.80 -16.59
N GLU B 269 15.06 15.78 -17.09
CA GLU B 269 14.45 16.95 -17.73
C GLU B 269 14.07 16.71 -19.20
N ASP B 270 14.11 15.45 -19.61
CA ASP B 270 13.43 15.04 -20.80
C ASP B 270 11.92 14.84 -20.54
N HIS B 271 11.56 14.72 -19.26
CA HIS B 271 10.16 14.59 -18.87
C HIS B 271 9.66 15.79 -18.06
N PHE B 272 10.54 16.32 -17.22
CA PHE B 272 10.19 17.38 -16.27
C PHE B 272 11.13 18.57 -16.41
N TYR B 273 10.61 19.67 -16.94
CA TYR B 273 11.44 20.79 -17.35
C TYR B 273 11.57 21.82 -16.21
N PRO B 274 12.80 22.00 -15.68
CA PRO B 274 12.98 22.84 -14.50
C PRO B 274 13.28 24.29 -14.85
N GLU B 275 12.82 25.20 -13.99
CA GLU B 275 13.29 26.57 -13.96
C GLU B 275 13.59 26.89 -12.49
N ILE B 276 14.51 27.84 -12.27
CA ILE B 276 14.68 28.43 -10.95
C ILE B 276 14.24 29.88 -11.00
N ILE B 277 13.40 30.30 -10.05
CA ILE B 277 12.95 31.69 -10.02
C ILE B 277 13.26 32.31 -8.66
N ASP B 278 13.37 33.65 -8.63
CA ASP B 278 13.26 34.38 -7.38
C ASP B 278 11.87 34.18 -6.78
N PRO B 279 11.79 33.65 -5.55
CA PRO B 279 10.48 33.28 -5.00
C PRO B 279 9.59 34.48 -4.70
N VAL B 280 10.18 35.68 -4.73
CA VAL B 280 9.42 36.90 -4.45
C VAL B 280 8.91 37.54 -5.75
N THR B 281 9.78 37.68 -6.74
CA THR B 281 9.43 38.42 -7.95
C THR B 281 8.94 37.52 -9.08
N GLY B 282 9.33 36.26 -9.04
CA GLY B 282 9.01 35.33 -10.13
C GLY B 282 9.97 35.39 -11.29
N GLU B 283 11.00 36.22 -11.18
CA GLU B 283 11.97 36.34 -12.28
C GLU B 283 12.84 35.10 -12.42
N VAL B 284 13.07 34.67 -13.65
CA VAL B 284 13.91 33.50 -13.90
C VAL B 284 15.40 33.79 -13.65
N LEU B 285 16.07 32.87 -12.96
CA LEU B 285 17.47 33.07 -12.58
C LEU B 285 18.41 32.14 -13.32
N PRO B 286 19.66 32.57 -13.55
CA PRO B 286 20.61 31.75 -14.31
C PRO B 286 21.07 30.58 -13.45
N ASP B 287 21.44 29.48 -14.09
CA ASP B 287 21.87 28.27 -13.40
C ASP B 287 23.06 28.54 -12.46
N GLY B 288 23.07 27.89 -11.31
CA GLY B 288 24.02 28.21 -10.25
C GLY B 288 23.43 29.12 -9.19
N SER B 289 22.36 29.81 -9.54
CA SER B 289 21.73 30.75 -8.62
C SER B 289 20.65 30.07 -7.76
N GLN B 290 20.71 30.31 -6.45
CA GLN B 290 19.70 29.84 -5.50
C GLN B 290 18.35 30.53 -5.73
N GLY B 291 17.29 29.73 -5.84
CA GLY B 291 15.94 30.25 -5.85
C GLY B 291 14.95 29.10 -5.73
N GLU B 292 13.80 29.24 -6.37
CA GLU B 292 12.69 28.33 -6.17
C GLU B 292 12.52 27.50 -7.43
N LEU B 293 12.34 26.20 -7.24
CA LEU B 293 12.26 25.25 -8.34
C LEU B 293 10.84 25.23 -8.92
N VAL B 294 10.75 25.33 -10.24
CA VAL B 294 9.45 25.38 -10.93
C VAL B 294 9.51 24.32 -12.03
N PHE B 295 8.43 23.54 -12.18
CA PHE B 295 8.42 22.47 -13.19
C PHE B 295 7.34 22.67 -14.24
N THR B 296 7.64 22.24 -15.45
CA THR B 296 6.64 22.07 -16.50
C THR B 296 6.79 20.68 -17.07
N SER B 297 5.72 19.90 -17.00
CA SER B 297 5.77 18.53 -17.49
C SER B 297 5.82 18.53 -19.02
N LEU B 298 6.47 17.53 -19.58
CA LEU B 298 6.70 17.44 -21.02
C LEU B 298 5.99 16.27 -21.67
N THR B 299 5.54 15.30 -20.87
CA THR B 299 5.06 14.02 -21.40
C THR B 299 3.75 13.57 -20.71
N LYS B 300 3.28 14.35 -19.75
CA LYS B 300 2.10 13.99 -18.98
C LYS B 300 0.81 14.25 -19.74
N GLU B 301 -0.08 13.25 -19.75
CA GLU B 301 -1.36 13.37 -20.46
C GLU B 301 -2.50 13.86 -19.57
N ALA B 302 -2.75 13.14 -18.47
CA ALA B 302 -3.98 13.35 -17.71
C ALA B 302 -3.97 14.70 -17.00
N MET B 303 -2.83 15.05 -16.42
CA MET B 303 -2.69 16.34 -15.74
C MET B 303 -1.37 17.01 -16.09
N PRO B 304 -1.30 17.60 -17.29
CA PRO B 304 -0.15 18.42 -17.61
C PRO B 304 -0.01 19.55 -16.57
N VAL B 305 1.22 19.81 -16.11
CA VAL B 305 1.42 20.94 -15.22
C VAL B 305 2.34 21.96 -15.86
N ILE B 306 1.89 23.21 -15.87
CA ILE B 306 2.64 24.27 -16.57
C ILE B 306 3.16 25.27 -15.57
N ARG B 307 4.49 25.32 -15.46
CA ARG B 307 5.20 26.24 -14.58
C ARG B 307 4.69 26.12 -13.16
N TYR B 308 4.67 24.88 -12.67
CA TYR B 308 4.19 24.59 -11.32
C TYR B 308 5.24 24.95 -10.28
N ARG B 309 4.89 25.84 -9.36
CA ARG B 309 5.80 26.23 -8.29
C ARG B 309 5.88 25.17 -7.19
N THR B 310 7.06 24.58 -7.01
CA THR B 310 7.22 23.52 -6.01
C THR B 310 7.27 24.15 -4.62
N ARG B 311 7.68 25.42 -4.56
CA ARG B 311 8.06 26.07 -3.31
C ARG B 311 9.39 25.58 -2.72
N ASP B 312 10.05 24.62 -3.35
CA ASP B 312 11.33 24.12 -2.84
C ASP B 312 12.46 25.07 -3.24
N LEU B 313 13.34 25.39 -2.29
CA LEU B 313 14.47 26.29 -2.58
C LEU B 313 15.74 25.50 -2.84
N THR B 314 16.39 25.78 -3.97
CA THR B 314 17.48 24.97 -4.46
C THR B 314 18.15 25.73 -5.59
N ALA B 315 18.97 25.06 -6.39
CA ALA B 315 19.58 25.68 -7.56
C ALA B 315 19.79 24.60 -8.62
N LEU B 316 19.94 25.03 -9.87
CA LEU B 316 20.29 24.11 -10.96
C LEU B 316 21.79 24.10 -11.19
N LEU B 317 22.35 22.89 -11.32
CA LEU B 317 23.79 22.74 -11.48
C LEU B 317 24.05 22.01 -12.80
N PRO B 318 25.24 22.23 -13.38
CA PRO B 318 25.57 21.69 -14.70
C PRO B 318 25.68 20.17 -14.72
N PRO B 319 25.47 19.56 -15.90
CA PRO B 319 25.49 18.10 -16.03
C PRO B 319 26.86 17.51 -15.66
N THR B 320 26.86 16.31 -15.10
CA THR B 320 28.10 15.56 -14.88
C THR B 320 27.98 14.14 -15.43
N ALA B 321 27.30 13.27 -14.69
CA ALA B 321 27.19 11.86 -15.06
C ALA B 321 26.12 11.57 -16.10
N ARG B 322 25.26 12.55 -16.36
CA ARG B 322 24.22 12.40 -17.36
C ARG B 322 24.19 13.64 -18.27
N ALA B 323 23.30 13.62 -19.27
CA ALA B 323 23.07 14.79 -20.12
C ALA B 323 22.34 15.90 -19.36
N MET B 324 21.72 15.54 -18.25
CA MET B 324 20.75 16.40 -17.60
C MET B 324 21.40 17.14 -16.42
N ARG B 325 20.82 18.28 -16.06
CA ARG B 325 21.29 19.06 -14.91
C ARG B 325 20.93 18.42 -13.57
N ARG B 326 21.53 18.94 -12.50
CA ARG B 326 21.36 18.37 -11.16
C ARG B 326 20.73 19.44 -10.27
N LEU B 327 20.16 19.02 -9.15
CA LEU B 327 19.72 19.95 -8.10
C LEU B 327 20.80 20.09 -7.04
N ALA B 328 21.00 21.33 -6.60
CA ALA B 328 21.73 21.60 -5.38
C ALA B 328 20.92 21.17 -4.15
N LYS B 329 21.52 21.33 -2.98
CA LYS B 329 20.83 21.13 -1.72
C LYS B 329 19.45 21.77 -1.78
N ILE B 330 18.43 21.01 -1.39
CA ILE B 330 17.14 21.61 -1.02
C ILE B 330 17.14 22.12 0.43
N THR B 331 17.17 23.44 0.59
CA THR B 331 17.63 24.09 1.83
C THR B 331 16.42 24.52 2.66
N GLY B 332 15.23 24.46 2.06
CA GLY B 332 14.01 24.91 2.71
C GLY B 332 12.90 25.19 1.70
N ARG B 333 11.86 25.89 2.14
CA ARG B 333 10.72 26.19 1.29
C ARG B 333 10.34 27.67 1.34
N SER B 334 9.68 28.15 0.30
CA SER B 334 9.20 29.52 0.28
C SER B 334 7.77 29.70 0.80
N ASP B 335 7.16 28.62 1.30
CA ASP B 335 5.85 28.71 1.96
C ASP B 335 5.96 28.18 3.38
N ASP B 336 4.83 27.90 4.02
CA ASP B 336 4.86 27.54 5.43
C ASP B 336 4.69 26.03 5.65
N MET B 337 4.91 25.24 4.60
CA MET B 337 4.67 23.81 4.69
C MET B 337 5.72 23.13 5.54
N LEU B 338 5.25 22.18 6.36
CA LEU B 338 6.14 21.36 7.17
C LEU B 338 6.23 19.99 6.53
N ILE B 339 7.34 19.29 6.79
CA ILE B 339 7.39 17.86 6.51
C ILE B 339 7.86 17.10 7.74
N VAL B 340 7.07 16.12 8.15
CA VAL B 340 7.39 15.32 9.31
C VAL B 340 7.36 13.85 8.93
N ARG B 341 8.53 13.23 8.90
CA ARG B 341 8.66 11.85 8.50
C ARG B 341 8.13 11.64 7.08
N GLY B 342 8.43 12.59 6.20
CA GLY B 342 8.08 12.44 4.80
C GLY B 342 6.69 12.93 4.47
N VAL B 343 5.88 13.16 5.51
CA VAL B 343 4.50 13.60 5.35
C VAL B 343 4.39 15.13 5.34
N ASN B 344 3.89 15.67 4.23
CA ASN B 344 3.58 17.08 4.13
C ASN B 344 2.46 17.47 5.10
N VAL B 345 2.67 18.54 5.87
CA VAL B 345 1.66 19.09 6.77
C VAL B 345 1.59 20.62 6.64
N PHE B 346 0.41 21.16 6.36
CA PHE B 346 0.23 22.61 6.38
C PHE B 346 -0.35 23.03 7.73
N PRO B 347 0.11 24.17 8.26
CA PRO B 347 -0.50 24.72 9.47
C PRO B 347 -2.00 24.99 9.31
N SER B 348 -2.43 25.42 8.12
CA SER B 348 -3.85 25.71 7.85
C SER B 348 -4.72 24.46 7.87
N GLN B 349 -4.11 23.34 7.49
CA GLN B 349 -4.73 22.03 7.54
C GLN B 349 -5.10 21.68 8.98
N ILE B 350 -4.12 21.80 9.86
CA ILE B 350 -4.33 21.59 11.29
C ILE B 350 -5.37 22.54 11.87
N GLU B 351 -5.30 23.81 11.50
CA GLU B 351 -6.28 24.79 11.95
C GLU B 351 -7.70 24.33 11.65
N GLU B 352 -7.93 23.86 10.43
CA GLU B 352 -9.25 23.43 10.01
C GLU B 352 -9.82 22.31 10.89
N ILE B 353 -8.94 21.42 11.33
CA ILE B 353 -9.35 20.30 12.19
C ILE B 353 -9.59 20.79 13.62
N VAL B 354 -8.75 21.69 14.09
CA VAL B 354 -8.94 22.31 15.40
C VAL B 354 -10.27 23.07 15.47
N VAL B 355 -10.54 23.90 14.46
CA VAL B 355 -11.71 24.78 14.47
C VAL B 355 -13.01 23.97 14.37
N ALA B 356 -12.91 22.74 13.88
CA ALA B 356 -14.08 21.88 13.72
C ALA B 356 -14.64 21.38 15.05
N LEU B 357 -13.81 21.40 16.10
CA LEU B 357 -14.23 20.97 17.44
C LEU B 357 -14.81 22.17 18.21
N PRO B 358 -16.12 22.13 18.52
CA PRO B 358 -16.81 23.38 18.86
C PRO B 358 -16.52 23.87 20.28
N LEU B 359 -15.84 23.06 21.08
CA LEU B 359 -15.32 23.52 22.37
C LEU B 359 -14.07 24.41 22.21
N LEU B 360 -13.33 24.21 21.13
CA LEU B 360 -12.04 24.90 20.96
C LEU B 360 -12.22 26.22 20.22
N SER B 361 -11.42 27.22 20.58
CA SER B 361 -11.52 28.55 20.00
C SER B 361 -10.98 28.63 18.57
N GLY B 362 -10.01 27.77 18.25
CA GLY B 362 -9.26 27.89 16.99
C GLY B 362 -7.84 28.39 17.20
N GLN B 363 -7.59 29.01 18.34
CA GLN B 363 -6.23 29.38 18.75
C GLN B 363 -5.38 28.13 18.95
N PHE B 364 -4.27 28.06 18.24
CA PHE B 364 -3.39 26.90 18.30
C PHE B 364 -1.92 27.24 18.07
N GLN B 365 -1.06 26.35 18.53
CA GLN B 365 0.37 26.51 18.31
C GLN B 365 1.04 25.17 18.17
N ILE B 366 1.76 25.00 17.06
CA ILE B 366 2.54 23.80 16.81
C ILE B 366 3.99 24.05 17.23
N THR B 367 4.51 23.18 18.10
CA THR B 367 5.94 23.16 18.40
C THR B 367 6.58 21.88 17.85
N LEU B 368 7.54 22.05 16.94
CA LEU B 368 8.33 20.93 16.46
C LEU B 368 9.67 20.86 17.16
N SER B 369 10.03 19.67 17.63
CA SER B 369 11.29 19.49 18.32
C SER B 369 11.95 18.17 17.97
N ARG B 370 13.24 18.07 18.25
CA ARG B 370 13.99 16.87 17.92
C ARG B 370 14.27 16.05 19.18
N ASP B 371 13.58 14.92 19.28
CA ASP B 371 13.72 14.03 20.42
C ASP B 371 14.73 12.94 20.08
N GLY B 372 16.00 13.21 20.39
CA GLY B 372 17.11 12.49 19.78
C GLY B 372 17.32 12.83 18.32
N HIS B 373 17.02 11.88 17.44
CA HIS B 373 16.99 12.14 16.00
C HIS B 373 15.55 12.21 15.47
N MET B 374 14.59 11.92 16.34
CA MET B 374 13.19 11.82 15.95
C MET B 374 12.46 13.16 16.08
N ASP B 375 11.78 13.56 15.00
CA ASP B 375 10.92 14.74 15.04
C ASP B 375 9.74 14.50 15.98
N ARG B 376 9.42 15.50 16.79
CA ARG B 376 8.14 15.53 17.49
C ARG B 376 7.26 16.68 17.01
N LEU B 377 6.00 16.38 16.72
CA LEU B 377 4.97 17.41 16.61
C LEU B 377 4.19 17.52 17.92
N ASP B 378 4.19 18.71 18.52
CA ASP B 378 3.40 18.97 19.72
C ASP B 378 2.46 20.15 19.54
N LEU B 379 1.17 19.89 19.74
CA LEU B 379 0.11 20.84 19.39
C LEU B 379 -0.57 21.32 20.68
N ALA B 380 -0.53 22.63 20.93
CA ALA B 380 -1.37 23.22 21.98
C ALA B 380 -2.61 23.86 21.38
N VAL B 381 -3.78 23.60 21.96
CA VAL B 381 -5.01 24.31 21.59
C VAL B 381 -5.73 24.93 22.80
N GLU B 382 -6.50 25.98 22.56
CA GLU B 382 -7.24 26.64 23.63
C GLU B 382 -8.72 26.28 23.59
N LEU B 383 -9.28 25.95 24.74
CA LEU B 383 -10.72 25.99 24.93
C LEU B 383 -11.25 27.40 24.68
N ARG B 384 -12.50 27.50 24.23
CA ARG B 384 -13.23 28.75 24.35
C ARG B 384 -13.48 29.07 25.82
N SER B 385 -13.50 30.35 26.16
CA SER B 385 -13.62 30.76 27.56
C SER B 385 -14.84 30.17 28.27
N GLU B 386 -15.98 30.14 27.58
CA GLU B 386 -17.21 29.63 28.17
C GLU B 386 -17.11 28.14 28.49
N ALA B 387 -16.11 27.49 27.92
CA ALA B 387 -15.99 26.04 28.00
C ALA B 387 -15.07 25.61 29.14
N ALA B 388 -14.06 26.43 29.42
CA ALA B 388 -13.13 26.14 30.51
C ALA B 388 -13.94 25.94 31.79
N ALA B 389 -15.00 26.73 31.92
CA ALA B 389 -15.79 26.80 33.14
C ALA B 389 -16.58 25.51 33.39
N SER B 390 -16.65 24.64 32.38
CA SER B 390 -17.72 23.64 32.32
C SER B 390 -17.22 22.28 31.83
N VAL B 391 -16.08 22.28 31.15
CA VAL B 391 -15.46 21.03 30.71
C VAL B 391 -14.64 20.41 31.83
N THR B 392 -14.93 19.15 32.14
CA THR B 392 -14.20 18.42 33.18
C THR B 392 -12.79 18.07 32.72
N ASP B 393 -12.01 17.43 33.58
CA ASP B 393 -10.66 17.03 33.22
C ASP B 393 -10.66 15.77 32.34
N GLY B 394 -11.52 14.83 32.67
CA GLY B 394 -11.74 13.64 31.84
C GLY B 394 -12.19 13.99 30.43
N GLU B 395 -13.17 14.89 30.34
CA GLU B 395 -13.64 15.34 29.02
C GLU B 395 -12.52 15.99 28.21
N ARG B 396 -11.76 16.86 28.86
CA ARG B 396 -10.71 17.61 28.18
C ARG B 396 -9.54 16.74 27.74
N ALA B 397 -9.21 15.72 28.53
CA ALA B 397 -8.25 14.70 28.12
C ALA B 397 -8.73 13.86 26.95
N ALA B 398 -10.04 13.57 26.92
CA ALA B 398 -10.65 12.86 25.79
C ALA B 398 -10.66 13.70 24.51
N LEU B 399 -10.90 15.00 24.66
CA LEU B 399 -10.78 15.96 23.57
C LEU B 399 -9.39 15.93 22.94
N ALA B 400 -8.36 15.87 23.78
CA ALA B 400 -6.98 15.77 23.31
C ALA B 400 -6.75 14.52 22.46
N ARG B 401 -7.23 13.38 22.96
CA ARG B 401 -7.11 12.12 22.23
C ARG B 401 -7.87 12.14 20.92
N GLU B 402 -9.04 12.77 20.92
CA GLU B 402 -9.86 12.81 19.71
C GLU B 402 -9.21 13.67 18.62
N LEU B 403 -8.70 14.82 19.01
CA LEU B 403 -7.96 15.70 18.10
C LEU B 403 -6.74 14.99 17.54
N GLN B 404 -5.98 14.35 18.42
CA GLN B 404 -4.83 13.54 18.03
C GLN B 404 -5.20 12.50 16.96
N HIS B 405 -6.35 11.85 17.14
CA HIS B 405 -6.76 10.76 16.25
C HIS B 405 -7.24 11.30 14.90
N ARG B 406 -7.92 12.44 14.93
CA ARG B 406 -8.39 13.09 13.71
C ARG B 406 -7.24 13.66 12.87
N ILE B 407 -6.21 14.16 13.54
CA ILE B 407 -5.01 14.60 12.85
C ILE B 407 -4.25 13.42 12.23
N LYS B 408 -4.06 12.36 13.01
CA LYS B 408 -3.50 11.11 12.48
C LYS B 408 -4.28 10.58 11.27
N THR B 409 -5.61 10.57 11.39
CA THR B 409 -6.45 10.02 10.32
C THR B 409 -6.50 10.91 9.07
N MET B 410 -6.66 12.21 9.26
CA MET B 410 -6.96 13.10 8.14
C MET B 410 -5.70 13.74 7.55
N VAL B 411 -4.66 13.85 8.36
CA VAL B 411 -3.41 14.46 7.92
C VAL B 411 -2.33 13.39 7.71
N GLY B 412 -2.31 12.39 8.59
CA GLY B 412 -1.39 11.26 8.45
C GLY B 412 -0.16 11.39 9.32
N VAL B 413 -0.18 12.34 10.25
CA VAL B 413 0.94 12.48 11.19
C VAL B 413 0.51 12.26 12.62
N SER B 414 1.43 11.74 13.43
CA SER B 414 1.23 11.64 14.86
C SER B 414 1.68 12.91 15.56
N SER B 415 0.96 13.28 16.62
CA SER B 415 1.25 14.52 17.36
C SER B 415 0.80 14.38 18.82
N GLY B 416 1.54 15.00 19.73
CA GLY B 416 1.03 15.25 21.07
C GLY B 416 0.08 16.44 21.11
N VAL B 417 -1.02 16.31 21.85
CA VAL B 417 -2.00 17.40 21.95
C VAL B 417 -2.18 17.82 23.41
N THR B 418 -2.07 19.13 23.67
CA THR B 418 -2.40 19.69 24.97
C THR B 418 -3.57 20.69 24.89
N VAL B 419 -4.47 20.64 25.87
CA VAL B 419 -5.64 21.50 25.85
C VAL B 419 -5.55 22.55 26.96
N LEU B 420 -5.45 23.83 26.56
CA LEU B 420 -5.20 24.91 27.51
C LEU B 420 -6.43 25.79 27.69
N ALA B 421 -6.46 26.58 28.77
CA ALA B 421 -7.44 27.65 28.93
C ALA B 421 -7.28 28.72 27.86
N ALA B 422 -8.37 29.45 27.58
CA ALA B 422 -8.27 30.58 26.67
C ALA B 422 -7.15 31.53 27.13
N GLY B 423 -6.37 32.03 26.18
CA GLY B 423 -5.25 32.90 26.49
C GLY B 423 -3.99 32.17 26.94
N GLY B 424 -4.06 30.85 27.05
CA GLY B 424 -2.93 30.07 27.55
C GLY B 424 -1.73 30.04 26.62
N ILE B 425 -1.96 30.30 25.33
CA ILE B 425 -0.87 30.38 24.36
C ILE B 425 -0.37 31.81 24.26
N PRO B 426 0.97 32.01 24.42
CA PRO B 426 1.52 33.36 24.28
C PRO B 426 1.05 34.01 22.99
N ALA B 427 0.44 35.17 23.09
CA ALA B 427 -0.11 35.84 21.93
C ALA B 427 0.49 37.25 21.81
N THR B 428 0.32 37.88 20.65
CA THR B 428 0.51 39.32 20.56
C THR B 428 -0.41 40.00 21.56
N ALA B 429 -0.15 41.28 21.81
CA ALA B 429 -0.99 42.07 22.71
C ALA B 429 -2.46 42.03 22.30
N THR B 430 -2.72 41.81 21.02
CA THR B 430 -4.10 41.63 20.54
C THR B 430 -4.42 40.18 20.15
N GLY B 431 -3.64 39.23 20.68
CA GLY B 431 -4.07 37.83 20.72
C GLY B 431 -3.77 37.00 19.48
N LYS B 432 -2.85 37.47 18.65
CA LYS B 432 -2.34 36.67 17.52
C LYS B 432 -1.22 35.75 18.00
N ALA B 433 -1.34 34.45 17.73
CA ALA B 433 -0.34 33.49 18.17
C ALA B 433 0.57 33.08 17.01
N ARG B 434 1.83 32.83 17.31
CA ARG B 434 2.72 32.18 16.35
C ARG B 434 2.29 30.74 16.12
N ARG B 435 1.95 30.39 14.88
CA ARG B 435 1.36 29.07 14.58
C ARG B 435 2.37 27.92 14.71
N VAL B 436 3.63 28.21 14.35
CA VAL B 436 4.65 27.18 14.25
C VAL B 436 5.94 27.65 14.92
N ILE B 437 6.40 26.91 15.92
CA ILE B 437 7.73 27.10 16.48
C ILE B 437 8.58 25.87 16.19
N ASP B 438 9.43 25.97 15.18
CA ASP B 438 10.20 24.83 14.71
C ASP B 438 11.58 24.82 15.36
N ARG B 439 11.78 23.89 16.30
CA ARG B 439 13.01 23.84 17.09
C ARG B 439 13.93 22.70 16.65
N ARG B 440 13.62 22.08 15.51
CA ARG B 440 14.23 20.79 15.16
C ARG B 440 15.73 20.90 14.92
#